data_8JFD
#
_entry.id   8JFD
#
_cell.length_a   57.355
_cell.length_b   156.500
_cell.length_c   165.269
_cell.angle_alpha   90.000
_cell.angle_beta   90.000
_cell.angle_gamma   90.000
#
_symmetry.space_group_name_H-M   'P 21 21 21'
#
loop_
_entity.id
_entity.type
_entity.pdbx_description
1 polymer 'Bifunctional dihydrofolate reductase-thymidylate synthase'
2 non-polymer 'NADPH DIHYDRO-NICOTINAMIDE-ADENINE-DINUCLEOTIDE PHOSPHATE'
3 non-polymer "2'-DEOXYURIDINE 5'-MONOPHOSPHATE"
4 non-polymer '3-[3-[[2,4-bis(azanyl)-6-ethyl-pyrimidin-5-yl]methyl]phenyl]benzoic acid'
5 non-polymer GLYCEROL
6 water water
#
_entity_poly.entity_id   1
_entity_poly.type   'polypeptide(L)'
_entity_poly.pdbx_seq_one_letter_code
;MMEQVCDVFDIYAICACCKVESKNEGKKNEVFNNYTFRGLGNKGVLPWKCISLDMKYFRAVTTYVNESKYEKLKYKRCKY
LNKETVDNVNDMPNSKKLQNVVVMGRTNWESIPKKFKPLSNRINVILSRTLKKEDFDEDVYIINKVEDLIVLLGKLNYYK
CFILGGSVVYQEFLEKKLIKKIYFTRINSTYECDVFFPEINENEYQIISVSDVYTSNNTTLDFIIYKKTNNKMLNEQNCI
KGEEKNNDMPLKNDDKDTCHMKKLTEFYKNVDKYKINYENDDDDEEEDDFVYFNFNKEKEEKNKNSIHPNDFQIYNSLKY
KYHPEYQYLNIIYDIMMNGNKQSDRTGVGVLSKFGYIMKFDLSQYFPLLTTKKLFLRGIIEELLWFIRGETNGNTLLNKN
VRIWEANGTREFLDNRKLFHREVNDLGPIYGFQWRHFGAEYTNMYDNYENKGVDQLKNIINLIKNDPTSRRILLCAWNVK
DLDQMALPPCHILCQFYVFDGKLSCIMYQRSCDLGLGVPFNIASYSIFTHMIAQVCNLQPAQFIHVLGNAHVYNNHIDSL
KIQLNRIPYPFPTLKLNPDIKNIEDFTISDFTIQNYVHHEKISMDMAA
;
_entity_poly.pdbx_strand_id   A,B
#
# COMPACT_ATOMS: atom_id res chain seq x y z
N MET A 2 -36.94 21.49 11.92
CA MET A 2 -36.15 21.53 13.14
C MET A 2 -35.34 20.24 13.28
N GLU A 3 -36.05 19.12 13.18
CA GLU A 3 -35.44 17.79 13.14
C GLU A 3 -36.26 16.92 12.22
N GLN A 4 -35.61 15.95 11.60
CA GLN A 4 -36.31 14.99 10.76
C GLN A 4 -36.65 13.74 11.56
N VAL A 5 -37.84 13.21 11.31
CA VAL A 5 -38.28 11.97 11.97
C VAL A 5 -37.23 10.88 11.79
N CYS A 6 -36.76 10.70 10.55
CA CYS A 6 -35.81 9.62 10.27
C CYS A 6 -34.44 9.82 10.92
N ASP A 7 -34.10 11.05 11.34
CA ASP A 7 -32.83 11.28 12.02
C ASP A 7 -32.95 11.06 13.52
N VAL A 8 -34.07 11.45 14.11
CA VAL A 8 -34.28 11.18 15.53
C VAL A 8 -34.37 9.68 15.76
N PHE A 9 -35.11 8.99 14.91
CA PHE A 9 -35.41 7.58 15.14
C PHE A 9 -34.54 6.62 14.34
N ASP A 10 -33.61 7.14 13.53
CA ASP A 10 -32.61 6.33 12.83
C ASP A 10 -33.27 5.25 11.98
N ILE A 11 -34.07 5.69 11.02
CA ILE A 11 -34.85 4.81 10.16
C ILE A 11 -34.10 4.64 8.85
N TYR A 12 -33.63 3.41 8.61
CA TYR A 12 -32.90 3.03 7.41
C TYR A 12 -33.73 2.04 6.62
N ALA A 13 -33.34 1.85 5.36
CA ALA A 13 -33.90 0.83 4.50
C ALA A 13 -32.77 -0.05 3.98
N ILE A 14 -33.02 -1.35 3.88
CA ILE A 14 -32.06 -2.29 3.32
C ILE A 14 -32.78 -3.17 2.31
N CYS A 15 -32.13 -3.42 1.17
CA CYS A 15 -32.76 -4.14 0.07
C CYS A 15 -31.70 -4.81 -0.78
N ALA A 16 -32.15 -5.69 -1.67
CA ALA A 16 -31.28 -6.34 -2.67
C ALA A 16 -32.02 -6.35 -3.99
N CYS A 17 -31.39 -5.79 -5.04
CA CYS A 17 -32.02 -5.65 -6.35
C CYS A 17 -31.19 -6.30 -7.45
N CYS A 18 -31.85 -7.08 -8.29
CA CYS A 18 -31.23 -7.67 -9.47
C CYS A 18 -31.58 -6.83 -10.70
N LYS A 19 -31.10 -7.31 -11.85
CA LYS A 19 -31.44 -6.72 -13.13
C LYS A 19 -32.65 -7.44 -13.72
N VAL A 20 -33.42 -6.71 -14.53
CA VAL A 20 -34.69 -7.22 -15.06
C VAL A 20 -34.71 -7.13 -16.58
N GLU A 21 -35.41 -8.08 -17.18
CA GLU A 21 -35.58 -8.13 -18.64
C GLU A 21 -36.76 -7.29 -19.12
N ASN A 29 -26.05 -3.77 -27.23
CA ASN A 29 -25.32 -2.69 -26.59
C ASN A 29 -26.28 -1.69 -25.93
N GLU A 30 -26.64 -1.95 -24.67
CA GLU A 30 -27.65 -1.17 -23.97
C GLU A 30 -27.03 -0.10 -23.07
N VAL A 31 -27.90 0.74 -22.52
CA VAL A 31 -27.51 1.84 -21.65
C VAL A 31 -27.82 1.44 -20.21
N PHE A 32 -26.91 1.79 -19.29
CA PHE A 32 -27.02 1.42 -17.89
C PHE A 32 -27.05 2.66 -17.01
N ASN A 33 -27.72 2.53 -15.86
CA ASN A 33 -27.76 3.54 -14.81
C ASN A 33 -28.09 2.86 -13.48
N ASN A 34 -28.24 3.66 -12.42
CA ASN A 34 -28.55 3.10 -11.11
C ASN A 34 -29.85 2.30 -11.14
N TYR A 35 -30.84 2.74 -11.94
CA TYR A 35 -32.11 2.04 -12.04
C TYR A 35 -32.01 0.71 -12.79
N THR A 36 -30.84 0.37 -13.34
CA THR A 36 -30.63 -0.97 -13.91
C THR A 36 -30.85 -2.05 -12.87
N PHE A 37 -30.51 -1.77 -11.61
CA PHE A 37 -30.70 -2.71 -10.51
C PHE A 37 -31.98 -2.33 -9.79
N ARG A 38 -33.03 -3.08 -10.04
CA ARG A 38 -34.31 -2.73 -9.42
C ARG A 38 -35.23 -3.91 -9.15
N GLY A 39 -34.86 -5.14 -9.55
CA GLY A 39 -35.71 -6.28 -9.33
C GLY A 39 -35.70 -6.71 -7.88
N LEU A 40 -36.89 -6.70 -7.24
CA LEU A 40 -37.07 -7.05 -5.84
C LEU A 40 -37.63 -8.45 -5.65
N GLY A 41 -38.66 -8.80 -6.40
CA GLY A 41 -39.31 -10.09 -6.19
C GLY A 41 -40.12 -10.52 -7.39
N ASN A 42 -40.62 -11.75 -7.31
CA ASN A 42 -41.37 -12.35 -8.40
C ASN A 42 -42.36 -13.35 -7.81
N LYS A 43 -43.63 -13.24 -8.19
CA LYS A 43 -44.66 -14.17 -7.77
C LYS A 43 -44.64 -14.36 -6.26
N GLY A 44 -44.59 -13.24 -5.53
CA GLY A 44 -44.61 -13.20 -4.08
C GLY A 44 -43.39 -13.73 -3.37
N VAL A 45 -42.33 -14.11 -4.08
CA VAL A 45 -41.09 -14.57 -3.46
C VAL A 45 -39.90 -13.83 -4.07
N LEU A 46 -38.60 -14.37 -3.82
CA LEU A 46 -37.47 -13.64 -4.37
C LEU A 46 -37.18 -14.13 -5.78
N PRO A 47 -36.59 -13.28 -6.64
CA PRO A 47 -36.41 -13.69 -8.05
C PRO A 47 -35.36 -14.75 -8.22
N TRP A 48 -34.50 -14.95 -7.23
CA TRP A 48 -33.35 -15.82 -7.31
C TRP A 48 -33.43 -16.86 -6.19
N LYS A 49 -32.77 -17.99 -6.41
CA LYS A 49 -32.45 -18.86 -5.29
C LYS A 49 -31.50 -18.15 -4.35
N CYS A 50 -31.27 -18.73 -3.16
CA CYS A 50 -30.58 -18.01 -2.09
C CYS A 50 -29.19 -17.54 -2.51
N ILE A 51 -29.00 -16.22 -2.50
CA ILE A 51 -27.66 -15.63 -2.58
C ILE A 51 -27.18 -15.48 -1.15
N SER A 52 -26.33 -16.41 -0.71
CA SER A 52 -26.07 -16.53 0.73
C SER A 52 -25.22 -15.39 1.26
N LEU A 53 -24.29 -14.84 0.46
CA LEU A 53 -23.46 -13.76 0.98
C LEU A 53 -24.30 -12.53 1.32
N ASP A 54 -25.29 -12.22 0.49
CA ASP A 54 -26.18 -11.11 0.80
C ASP A 54 -26.97 -11.36 2.08
N MET A 55 -27.39 -12.61 2.32
CA MET A 55 -28.09 -12.93 3.56
C MET A 55 -27.21 -12.66 4.76
N LYS A 56 -25.94 -13.05 4.68
CA LYS A 56 -25.00 -12.79 5.77
C LYS A 56 -24.84 -11.29 5.98
N TYR A 57 -24.72 -10.53 4.90
CA TYR A 57 -24.65 -9.08 5.00
C TYR A 57 -25.91 -8.50 5.62
N PHE A 58 -27.07 -8.92 5.10
CA PHE A 58 -28.35 -8.44 5.58
C PHE A 58 -28.53 -8.74 7.07
N ARG A 59 -28.10 -9.92 7.52
CA ARG A 59 -28.21 -10.27 8.92
C ARG A 59 -27.23 -9.47 9.78
N ALA A 60 -26.03 -9.20 9.29
CA ALA A 60 -25.11 -8.43 10.11
C ALA A 60 -25.60 -7.01 10.30
N VAL A 61 -26.14 -6.40 9.25
CA VAL A 61 -26.55 -5.00 9.36
C VAL A 61 -27.77 -4.88 10.27
N THR A 62 -28.79 -5.72 10.05
CA THR A 62 -30.03 -5.59 10.79
C THR A 62 -29.92 -6.09 12.22
N THR A 63 -28.90 -6.87 12.56
CA THR A 63 -28.78 -7.31 13.93
C THR A 63 -27.75 -6.54 14.73
N TYR A 64 -26.77 -5.88 14.08
CA TYR A 64 -25.69 -5.21 14.80
C TYR A 64 -26.19 -4.03 15.63
N VAL A 65 -25.76 -3.98 16.90
CA VAL A 65 -26.01 -2.83 17.77
C VAL A 65 -24.71 -2.47 18.49
N ASN A 66 -24.57 -1.20 18.85
CA ASN A 66 -23.44 -0.74 19.66
C ASN A 66 -24.01 -0.13 20.94
N GLU A 67 -23.85 -0.84 22.05
CA GLU A 67 -24.45 -0.42 23.31
C GLU A 67 -23.95 0.96 23.73
N SER A 68 -22.64 1.21 23.61
CA SER A 68 -22.07 2.46 24.06
C SER A 68 -22.63 3.67 23.33
N LYS A 69 -23.35 3.49 22.24
CA LYS A 69 -23.94 4.60 21.52
C LYS A 69 -25.40 4.85 21.86
N TYR A 70 -26.03 3.99 22.65
CA TYR A 70 -27.48 4.13 22.82
C TYR A 70 -27.83 5.34 23.65
N GLU A 71 -27.04 5.63 24.69
CA GLU A 71 -27.40 6.72 25.61
C GLU A 71 -27.55 8.03 24.89
N LYS A 72 -26.74 8.28 23.86
CA LYS A 72 -26.91 9.50 23.09
C LYS A 72 -28.18 9.41 22.24
N LEU A 73 -28.37 8.28 21.57
CA LEU A 73 -29.64 8.05 20.87
C LEU A 73 -30.81 8.20 21.81
N LYS A 74 -30.69 7.61 23.01
CA LYS A 74 -31.76 7.70 24.00
C LYS A 74 -31.99 9.14 24.43
N TYR A 75 -30.91 9.88 24.71
CA TYR A 75 -31.05 11.29 25.04
C TYR A 75 -31.75 12.04 23.92
N LYS A 76 -31.26 11.88 22.68
CA LYS A 76 -31.80 12.62 21.55
C LYS A 76 -33.28 12.37 21.36
N ARG A 77 -33.71 11.11 21.52
CA ARG A 77 -35.10 10.79 21.28
C ARG A 77 -35.99 11.34 22.39
N CYS A 78 -35.51 11.33 23.63
CA CYS A 78 -36.21 12.02 24.71
C CYS A 78 -36.43 13.49 24.37
N LYS A 79 -35.35 14.19 23.99
CA LYS A 79 -35.47 15.62 23.71
C LYS A 79 -36.54 15.90 22.67
N TYR A 80 -36.49 15.18 21.54
CA TYR A 80 -37.52 15.35 20.51
C TYR A 80 -38.92 15.12 21.07
N LEU A 81 -39.10 14.03 21.83
CA LEU A 81 -40.40 13.69 22.39
C LEU A 81 -40.74 14.53 23.62
N ASN A 82 -39.80 15.33 24.10
CA ASN A 82 -39.98 16.20 25.27
C ASN A 82 -40.18 15.37 26.53
N LYS A 83 -39.30 14.39 26.71
CA LYS A 83 -39.22 13.56 27.91
C LYS A 83 -37.82 13.67 28.50
N GLU A 84 -37.67 13.25 29.75
CA GLU A 84 -36.40 13.38 30.44
C GLU A 84 -35.66 12.04 30.47
N THR A 85 -34.64 11.95 31.32
CA THR A 85 -33.76 10.78 31.50
C THR A 85 -34.38 9.42 31.12
N LYS A 97 -30.80 -7.64 26.20
CA LYS A 97 -29.84 -6.94 25.33
C LYS A 97 -30.52 -6.00 24.33
N LEU A 98 -29.83 -4.91 23.99
CA LEU A 98 -30.31 -3.96 22.98
C LEU A 98 -30.45 -4.62 21.61
N GLN A 99 -31.50 -4.26 20.90
CA GLN A 99 -31.77 -4.85 19.60
C GLN A 99 -32.22 -3.77 18.63
N ASN A 100 -32.16 -4.07 17.34
CA ASN A 100 -32.77 -3.22 16.32
C ASN A 100 -34.23 -3.61 16.11
N VAL A 101 -34.99 -2.68 15.56
CA VAL A 101 -36.35 -2.90 15.10
C VAL A 101 -36.30 -3.16 13.60
N VAL A 102 -37.12 -4.09 13.12
CA VAL A 102 -37.24 -4.33 11.69
C VAL A 102 -38.72 -4.31 11.29
N VAL A 103 -39.01 -3.64 10.17
CA VAL A 103 -40.36 -3.42 9.70
C VAL A 103 -40.53 -4.14 8.37
N MET A 104 -41.60 -4.93 8.25
CA MET A 104 -41.92 -5.65 7.04
C MET A 104 -43.36 -5.39 6.63
N GLY A 105 -43.57 -5.24 5.33
CA GLY A 105 -44.90 -5.42 4.80
C GLY A 105 -45.45 -6.79 5.13
N ARG A 106 -46.77 -6.89 5.06
CA ARG A 106 -47.40 -8.18 5.33
C ARG A 106 -47.04 -9.21 4.27
N THR A 107 -47.01 -8.80 3.00
CA THR A 107 -46.64 -9.74 1.95
C THR A 107 -45.20 -10.22 2.12
N ASN A 108 -44.30 -9.29 2.40
CA ASN A 108 -42.91 -9.63 2.70
C ASN A 108 -42.84 -10.66 3.82
N TRP A 109 -43.59 -10.43 4.90
CA TRP A 109 -43.54 -11.33 6.05
C TRP A 109 -44.00 -12.75 5.67
N GLU A 110 -45.03 -12.86 4.84
CA GLU A 110 -45.53 -14.19 4.54
C GLU A 110 -44.57 -14.96 3.62
N SER A 111 -43.73 -14.27 2.85
CA SER A 111 -42.79 -14.94 1.98
C SER A 111 -41.56 -15.48 2.70
N ILE A 112 -41.31 -15.07 3.93
CA ILE A 112 -40.15 -15.55 4.68
C ILE A 112 -40.44 -16.98 5.16
N PRO A 113 -39.49 -17.91 5.03
CA PRO A 113 -39.68 -19.26 5.58
C PRO A 113 -40.04 -19.23 7.07
N LYS A 114 -40.94 -20.12 7.47
CA LYS A 114 -41.44 -20.11 8.85
C LYS A 114 -40.31 -20.32 9.84
N LYS A 115 -39.31 -21.13 9.49
CA LYS A 115 -38.24 -21.39 10.44
C LYS A 115 -37.41 -20.16 10.76
N PHE A 116 -37.56 -19.07 10.01
CA PHE A 116 -36.80 -17.86 10.30
C PHE A 116 -37.58 -16.80 11.06
N LYS A 117 -38.89 -16.98 11.25
CA LYS A 117 -39.84 -16.05 11.86
C LYS A 117 -40.06 -16.38 13.33
N PRO A 118 -40.02 -15.37 14.20
CA PRO A 118 -39.69 -13.96 13.93
C PRO A 118 -38.17 -13.83 13.68
N LEU A 119 -37.71 -12.80 12.95
CA LEU A 119 -36.28 -12.69 12.63
C LEU A 119 -35.46 -12.64 13.92
N SER A 120 -34.49 -13.53 14.02
CA SER A 120 -33.79 -13.71 15.29
C SER A 120 -33.07 -12.44 15.74
N ASN A 121 -33.10 -12.20 17.05
CA ASN A 121 -32.39 -11.12 17.73
C ASN A 121 -32.78 -9.74 17.23
N ARG A 122 -33.96 -9.61 16.64
CA ARG A 122 -34.50 -8.34 16.19
C ARG A 122 -35.94 -8.18 16.67
N ILE A 123 -36.34 -6.94 16.91
CA ILE A 123 -37.72 -6.62 17.24
C ILE A 123 -38.50 -6.57 15.93
N ASN A 124 -39.42 -7.50 15.74
CA ASN A 124 -40.19 -7.61 14.49
C ASN A 124 -41.45 -6.74 14.50
N VAL A 125 -41.64 -5.99 13.42
CA VAL A 125 -42.83 -5.17 13.23
C VAL A 125 -43.38 -5.42 11.83
N ILE A 126 -44.69 -5.65 11.73
CA ILE A 126 -45.37 -5.96 10.48
C ILE A 126 -46.42 -4.89 10.22
N LEU A 127 -46.47 -4.38 8.99
CA LEU A 127 -47.55 -3.50 8.55
C LEU A 127 -48.64 -4.32 7.88
N SER A 128 -49.88 -4.10 8.31
CA SER A 128 -51.02 -4.80 7.72
C SER A 128 -52.31 -4.08 8.07
N ARG A 129 -53.29 -4.18 7.17
CA ARG A 129 -54.68 -3.88 7.47
C ARG A 129 -55.54 -5.13 7.56
N THR A 130 -55.34 -6.09 6.65
CA THR A 130 -56.22 -7.25 6.63
C THR A 130 -55.98 -8.20 7.79
N LEU A 131 -54.85 -8.09 8.50
CA LEU A 131 -54.54 -9.00 9.59
C LEU A 131 -54.30 -8.20 10.87
N LYS A 132 -54.62 -8.82 12.00
CA LYS A 132 -54.45 -8.19 13.30
C LYS A 132 -53.67 -9.13 14.20
N LYS A 133 -53.35 -8.68 15.41
CA LYS A 133 -52.46 -9.48 16.25
C LYS A 133 -53.02 -10.86 16.56
N GLU A 134 -54.34 -11.05 16.46
CA GLU A 134 -54.93 -12.37 16.69
C GLU A 134 -54.54 -13.36 15.62
N ASP A 135 -54.20 -12.89 14.43
CA ASP A 135 -53.80 -13.75 13.33
C ASP A 135 -52.35 -14.22 13.40
N PHE A 136 -51.57 -13.83 14.41
CA PHE A 136 -50.16 -14.19 14.48
C PHE A 136 -49.85 -14.96 15.74
N ASP A 137 -49.17 -16.09 15.59
CA ASP A 137 -48.63 -16.80 16.75
C ASP A 137 -47.36 -16.15 17.30
N GLU A 138 -46.57 -15.49 16.44
CA GLU A 138 -45.20 -15.11 16.80
C GLU A 138 -45.16 -13.84 17.65
N ASP A 139 -44.00 -13.67 18.30
CA ASP A 139 -43.60 -12.46 19.03
C ASP A 139 -43.31 -11.33 18.06
N VAL A 140 -44.35 -10.59 17.70
CA VAL A 140 -44.28 -9.54 16.69
C VAL A 140 -45.23 -8.42 17.11
N TYR A 141 -44.93 -7.20 16.65
CA TYR A 141 -45.85 -6.08 16.76
C TYR A 141 -46.58 -5.93 15.44
N ILE A 142 -47.90 -5.74 15.51
CA ILE A 142 -48.70 -5.33 14.36
C ILE A 142 -48.99 -3.84 14.48
N ILE A 143 -48.87 -3.13 13.36
CA ILE A 143 -49.28 -1.75 13.23
C ILE A 143 -49.98 -1.62 11.89
N ASN A 144 -51.06 -0.81 11.85
CA ASN A 144 -51.85 -0.68 10.65
C ASN A 144 -51.68 0.68 9.97
N LYS A 145 -50.67 1.44 10.35
CA LYS A 145 -50.36 2.69 9.65
C LYS A 145 -48.96 3.14 10.02
N VAL A 146 -48.35 3.91 9.11
CA VAL A 146 -46.97 4.34 9.32
C VAL A 146 -46.87 5.21 10.57
N GLU A 147 -47.87 6.04 10.83
CA GLU A 147 -47.79 6.93 11.98
C GLU A 147 -47.68 6.14 13.28
N ASP A 148 -48.23 4.92 13.31
CA ASP A 148 -48.16 4.06 14.49
C ASP A 148 -46.77 3.49 14.70
N LEU A 149 -45.93 3.43 13.66
CA LEU A 149 -44.55 3.01 13.85
C LEU A 149 -43.77 4.05 14.62
N ILE A 150 -43.95 5.32 14.26
CA ILE A 150 -43.27 6.40 14.96
C ILE A 150 -43.70 6.42 16.42
N VAL A 151 -45.00 6.27 16.66
CA VAL A 151 -45.51 6.15 18.03
C VAL A 151 -44.84 4.98 18.73
N LEU A 152 -44.80 3.82 18.06
CA LEU A 152 -44.18 2.64 18.66
C LEU A 152 -42.71 2.90 19.00
N LEU A 153 -41.97 3.49 18.05
CA LEU A 153 -40.54 3.75 18.26
C LEU A 153 -40.31 4.68 19.44
N GLY A 154 -41.19 5.67 19.62
CA GLY A 154 -41.08 6.55 20.76
C GLY A 154 -41.23 5.86 22.09
N LYS A 155 -41.82 4.68 22.10
CA LYS A 155 -42.04 3.89 23.30
C LYS A 155 -41.07 2.73 23.46
N LEU A 156 -40.29 2.40 22.44
CA LEU A 156 -39.39 1.25 22.50
C LEU A 156 -37.96 1.66 22.84
N ASN A 157 -37.25 0.74 23.48
CA ASN A 157 -35.79 0.78 23.56
C ASN A 157 -35.19 -0.02 22.43
N TYR A 158 -34.50 0.65 21.51
CA TYR A 158 -33.92 0.00 20.34
C TYR A 158 -32.74 0.80 19.84
N TYR A 159 -31.89 0.15 19.05
CA TYR A 159 -30.72 0.83 18.47
C TYR A 159 -31.10 1.53 17.17
N LYS A 160 -31.40 0.77 16.12
CA LYS A 160 -31.77 1.34 14.83
C LYS A 160 -33.02 0.65 14.31
N CYS A 161 -33.65 1.29 13.31
CA CYS A 161 -34.86 0.77 12.68
C CYS A 161 -34.65 0.58 11.18
N PHE A 162 -34.80 -0.67 10.73
CA PHE A 162 -34.53 -1.09 9.37
C PHE A 162 -35.82 -1.51 8.68
N ILE A 163 -36.11 -0.86 7.56
CA ILE A 163 -37.25 -1.16 6.71
C ILE A 163 -36.83 -2.25 5.72
N LEU A 164 -37.53 -3.39 5.72
CA LEU A 164 -37.08 -4.54 4.95
C LEU A 164 -37.87 -4.73 3.66
N GLY A 165 -38.72 -3.78 3.32
CA GLY A 165 -39.65 -3.93 2.22
C GLY A 165 -40.91 -4.65 2.66
N GLY A 166 -41.71 -5.08 1.67
CA GLY A 166 -41.40 -5.07 0.26
C GLY A 166 -41.59 -3.77 -0.49
N SER A 167 -42.01 -3.90 -1.75
CA SER A 167 -42.00 -2.76 -2.66
C SER A 167 -42.96 -1.67 -2.18
N VAL A 168 -44.18 -2.07 -1.79
CA VAL A 168 -45.13 -1.11 -1.25
C VAL A 168 -44.54 -0.38 -0.04
N VAL A 169 -43.91 -1.11 0.87
CA VAL A 169 -43.36 -0.48 2.06
C VAL A 169 -42.22 0.48 1.70
N TYR A 170 -41.34 0.08 0.79
CA TYR A 170 -40.26 0.96 0.36
C TYR A 170 -40.81 2.27 -0.20
N GLN A 171 -41.75 2.15 -1.17
CA GLN A 171 -42.27 3.32 -1.88
C GLN A 171 -42.82 4.36 -0.92
N GLU A 172 -43.62 3.93 0.06
CA GLU A 172 -44.25 4.91 0.95
C GLU A 172 -43.26 5.44 1.99
N PHE A 173 -42.24 4.68 2.38
CA PHE A 173 -41.25 5.25 3.27
C PHE A 173 -40.31 6.20 2.52
N LEU A 174 -40.08 5.97 1.23
CA LEU A 174 -39.33 6.93 0.45
C LEU A 174 -40.16 8.18 0.17
N GLU A 175 -41.41 7.98 -0.25
CA GLU A 175 -42.41 9.03 -0.44
C GLU A 175 -42.40 10.03 0.69
N LYS A 176 -42.32 9.52 1.93
CA LYS A 176 -42.50 10.32 3.12
C LYS A 176 -41.19 10.80 3.71
N LYS A 177 -40.08 10.66 3.00
CA LYS A 177 -38.77 11.15 3.44
C LYS A 177 -38.37 10.55 4.78
N LEU A 178 -38.83 9.33 5.07
CA LEU A 178 -38.58 8.66 6.33
C LEU A 178 -37.34 7.78 6.33
N ILE A 179 -36.61 7.72 5.21
CA ILE A 179 -35.41 6.89 5.09
C ILE A 179 -34.18 7.78 5.13
N LYS A 180 -33.26 7.48 6.04
CA LYS A 180 -32.03 8.24 6.21
C LYS A 180 -30.88 7.66 5.38
N LYS A 181 -30.84 6.34 5.21
CA LYS A 181 -29.87 5.70 4.35
C LYS A 181 -30.49 4.46 3.74
N ILE A 182 -30.11 4.15 2.50
CA ILE A 182 -30.52 2.93 1.84
C ILE A 182 -29.30 2.04 1.71
N TYR A 183 -29.36 0.89 2.37
CA TYR A 183 -28.36 -0.15 2.18
C TYR A 183 -28.84 -1.04 1.04
N PHE A 184 -28.09 -1.00 -0.06
CA PHE A 184 -28.57 -1.43 -1.36
C PHE A 184 -27.58 -2.45 -1.92
N THR A 185 -28.01 -3.68 -2.04
CA THR A 185 -27.21 -4.73 -2.64
C THR A 185 -27.52 -4.79 -4.13
N ARG A 186 -26.48 -4.72 -4.96
CA ARG A 186 -26.63 -4.82 -6.40
C ARG A 186 -26.30 -6.26 -6.82
N ILE A 187 -27.32 -6.99 -7.26
CA ILE A 187 -27.18 -8.37 -7.74
C ILE A 187 -26.90 -8.31 -9.23
N ASN A 188 -25.69 -8.70 -9.63
CA ASN A 188 -25.29 -8.46 -11.01
C ASN A 188 -25.64 -9.66 -11.89
N SER A 189 -26.95 -9.88 -12.02
CA SER A 189 -27.50 -10.89 -12.90
C SER A 189 -28.97 -10.57 -13.08
N THR A 190 -29.55 -11.16 -14.13
CA THR A 190 -30.90 -10.82 -14.57
C THR A 190 -31.87 -11.94 -14.21
N TYR A 191 -33.02 -11.56 -13.66
CA TYR A 191 -34.09 -12.52 -13.38
C TYR A 191 -35.43 -11.91 -13.75
N GLU A 192 -36.41 -12.79 -13.90
CA GLU A 192 -37.78 -12.36 -14.10
C GLU A 192 -38.35 -11.78 -12.81
N CYS A 193 -38.91 -10.58 -12.88
CA CYS A 193 -39.43 -9.91 -11.70
C CYS A 193 -40.84 -9.38 -11.98
N ASP A 194 -41.61 -9.18 -10.90
CA ASP A 194 -42.89 -8.49 -11.01
C ASP A 194 -43.07 -7.36 -10.01
N VAL A 195 -42.12 -7.14 -9.10
CA VAL A 195 -42.12 -6.01 -8.18
C VAL A 195 -40.71 -5.43 -8.18
N PHE A 196 -40.61 -4.14 -7.89
CA PHE A 196 -39.42 -3.38 -8.19
C PHE A 196 -39.19 -2.31 -7.14
N PHE A 197 -37.92 -2.05 -6.82
CA PHE A 197 -37.61 -0.94 -5.94
C PHE A 197 -38.00 0.36 -6.63
N PRO A 198 -38.46 1.35 -5.89
CA PRO A 198 -38.76 2.64 -6.52
C PRO A 198 -37.52 3.25 -7.15
N GLU A 199 -37.74 4.05 -8.18
CA GLU A 199 -36.66 4.83 -8.77
C GLU A 199 -36.15 5.84 -7.76
N ILE A 200 -34.90 5.69 -7.33
CA ILE A 200 -34.32 6.62 -6.38
C ILE A 200 -34.12 7.96 -7.07
N ASN A 201 -34.55 9.04 -6.40
CA ASN A 201 -34.38 10.38 -6.95
C ASN A 201 -32.99 10.87 -6.58
N GLU A 202 -32.12 11.00 -7.60
CA GLU A 202 -30.73 11.36 -7.35
C GLU A 202 -30.61 12.73 -6.70
N ASN A 203 -31.66 13.54 -6.77
CA ASN A 203 -31.64 14.81 -6.06
C ASN A 203 -31.93 14.63 -4.58
N GLU A 204 -32.60 13.54 -4.19
CA GLU A 204 -32.91 13.27 -2.78
C GLU A 204 -31.86 12.39 -2.11
N TYR A 205 -31.24 11.47 -2.86
CA TYR A 205 -30.28 10.52 -2.32
C TYR A 205 -29.03 10.46 -3.19
N GLN A 206 -27.88 10.33 -2.55
CA GLN A 206 -26.61 10.17 -3.26
C GLN A 206 -25.83 8.99 -2.67
N ILE A 207 -25.04 8.34 -3.52
CA ILE A 207 -24.20 7.25 -3.05
C ILE A 207 -23.01 7.81 -2.28
N ILE A 208 -22.78 7.32 -1.07
CA ILE A 208 -21.65 7.76 -0.27
C ILE A 208 -20.60 6.67 -0.06
N SER A 209 -20.89 5.42 -0.40
CA SER A 209 -19.95 4.33 -0.16
C SER A 209 -20.31 3.14 -1.03
N VAL A 210 -19.27 2.40 -1.41
CA VAL A 210 -19.40 1.23 -2.26
C VAL A 210 -18.39 0.19 -1.80
N SER A 211 -18.83 -1.06 -1.68
CA SER A 211 -18.02 -2.13 -1.12
C SER A 211 -17.12 -2.77 -2.17
N ASP A 212 -16.27 -3.67 -1.69
CA ASP A 212 -15.59 -4.67 -2.50
C ASP A 212 -16.62 -5.44 -3.33
N VAL A 213 -16.19 -6.10 -4.42
CA VAL A 213 -17.05 -6.94 -5.25
C VAL A 213 -16.85 -8.39 -4.85
N TYR A 214 -17.92 -9.16 -4.88
CA TYR A 214 -17.86 -10.54 -4.43
C TYR A 214 -18.55 -11.43 -5.43
N THR A 215 -18.26 -12.73 -5.37
CA THR A 215 -19.06 -13.74 -6.06
C THR A 215 -19.77 -14.62 -5.04
N SER A 216 -21.06 -14.87 -5.26
CA SER A 216 -21.82 -15.76 -4.41
C SER A 216 -22.88 -16.46 -5.23
N ASN A 217 -22.93 -17.79 -5.15
CA ASN A 217 -23.96 -18.55 -5.86
C ASN A 217 -23.99 -18.22 -7.35
N ASN A 218 -22.81 -18.10 -7.94
CA ASN A 218 -22.62 -17.93 -9.38
C ASN A 218 -23.09 -16.57 -9.89
N THR A 219 -23.00 -15.54 -9.04
CA THR A 219 -23.25 -14.16 -9.47
C THR A 219 -22.30 -13.23 -8.72
N THR A 220 -21.94 -12.13 -9.35
CA THR A 220 -21.23 -11.10 -8.60
C THR A 220 -22.25 -10.12 -8.00
N LEU A 221 -21.79 -9.40 -6.98
CA LEU A 221 -22.60 -8.42 -6.27
C LEU A 221 -21.68 -7.52 -5.48
N ASP A 222 -22.15 -6.29 -5.24
CA ASP A 222 -21.56 -5.43 -4.23
C ASP A 222 -22.65 -4.79 -3.36
N PHE A 223 -22.21 -4.01 -2.39
CA PHE A 223 -23.06 -3.34 -1.41
C PHE A 223 -22.78 -1.86 -1.47
N ILE A 224 -23.81 -1.05 -1.73
CA ILE A 224 -23.63 0.39 -1.79
C ILE A 224 -24.58 1.02 -0.78
N ILE A 225 -24.24 2.25 -0.39
CA ILE A 225 -24.97 2.98 0.64
C ILE A 225 -25.38 4.30 0.04
N TYR A 226 -26.69 4.52 -0.06
CA TYR A 226 -27.22 5.85 -0.37
C TYR A 226 -27.46 6.61 0.93
N LYS A 227 -27.12 7.90 0.92
CA LYS A 227 -27.43 8.79 2.04
C LYS A 227 -28.40 9.87 1.56
N LYS A 228 -29.26 10.29 2.47
CA LYS A 228 -30.20 11.37 2.17
C LYS A 228 -29.44 12.68 2.04
N THR A 229 -29.68 13.39 0.94
CA THR A 229 -28.92 14.61 0.61
C THR A 229 -29.27 15.82 1.48
N GLU A 285 -5.54 12.15 23.35
CA GLU A 285 -4.15 12.18 23.83
C GLU A 285 -3.19 11.78 22.73
N GLU A 286 -3.30 10.52 22.30
CA GLU A 286 -2.54 10.06 21.15
C GLU A 286 -2.94 10.77 19.85
N GLU A 287 -3.96 11.65 19.92
CA GLU A 287 -4.33 12.45 18.77
C GLU A 287 -3.31 13.56 18.53
N ASP A 288 -2.83 14.19 19.60
CA ASP A 288 -1.86 15.26 19.42
C ASP A 288 -0.52 14.73 18.88
N ASP A 289 -0.10 13.54 19.34
CA ASP A 289 1.12 12.94 18.82
C ASP A 289 1.05 12.76 17.31
N PHE A 290 -0.12 12.42 16.79
CA PHE A 290 -0.30 12.39 15.34
C PHE A 290 0.00 13.75 14.72
N VAL A 291 -0.59 14.82 15.27
CA VAL A 291 -0.34 16.17 14.79
C VAL A 291 1.15 16.49 14.81
N TYR A 292 1.83 16.15 15.91
CA TYR A 292 3.25 16.43 16.01
C TYR A 292 4.01 15.77 14.86
N PHE A 293 3.74 14.48 14.63
CA PHE A 293 4.44 13.73 13.60
C PHE A 293 4.12 14.20 12.19
N ASN A 294 3.10 15.04 12.01
CA ASN A 294 2.82 15.62 10.70
C ASN A 294 3.29 17.07 10.60
N PHE A 295 4.22 17.47 11.47
CA PHE A 295 4.71 18.85 11.49
C PHE A 295 5.36 19.28 10.18
N ASN A 296 5.62 18.36 9.26
CA ASN A 296 6.41 18.69 8.08
C ASN A 296 5.67 18.32 6.79
N LYS A 297 4.35 18.48 6.80
CA LYS A 297 3.54 18.19 5.61
C LYS A 297 2.77 19.42 5.15
N ASN A 303 -1.70 24.32 -5.03
CA ASN A 303 -2.39 23.69 -6.15
C ASN A 303 -1.39 23.14 -7.16
N LYS A 304 -0.76 22.01 -6.80
CA LYS A 304 0.49 21.58 -7.43
C LYS A 304 0.39 21.53 -8.95
N ASN A 305 -0.56 20.76 -9.49
CA ASN A 305 -0.59 20.47 -10.92
C ASN A 305 -1.76 21.13 -11.64
N SER A 306 -2.27 22.25 -11.11
CA SER A 306 -3.33 23.04 -11.75
C SER A 306 -4.61 22.23 -11.91
N ILE A 307 -4.84 21.28 -11.00
CA ILE A 307 -6.05 20.48 -10.96
C ILE A 307 -6.92 20.98 -9.81
N HIS A 308 -8.26 21.03 -10.04
CA HIS A 308 -9.19 21.78 -9.19
C HIS A 308 -10.04 20.86 -8.31
N PRO A 309 -10.45 21.35 -7.12
CA PRO A 309 -11.27 20.53 -6.21
C PRO A 309 -12.63 20.18 -6.80
N ASN A 310 -13.42 21.20 -7.15
CA ASN A 310 -14.76 20.97 -7.68
C ASN A 310 -14.78 20.04 -8.90
N ASP A 311 -13.65 19.82 -9.55
CA ASP A 311 -13.57 18.86 -10.65
C ASP A 311 -13.57 17.41 -10.18
N PHE A 312 -13.58 17.16 -8.87
CA PHE A 312 -13.66 15.79 -8.35
C PHE A 312 -14.63 15.72 -7.18
N GLN A 313 -15.74 16.46 -7.27
CA GLN A 313 -16.69 16.52 -6.16
C GLN A 313 -17.25 15.14 -5.85
N ILE A 314 -17.75 14.44 -6.87
CA ILE A 314 -18.34 13.13 -6.64
C ILE A 314 -17.30 12.16 -6.08
N TYR A 315 -16.11 12.14 -6.68
CA TYR A 315 -15.08 11.23 -6.23
C TYR A 315 -14.66 11.50 -4.79
N ASN A 316 -14.63 12.77 -4.37
CA ASN A 316 -14.18 13.13 -3.03
C ASN A 316 -15.27 13.05 -1.99
N SER A 317 -16.54 13.07 -2.42
CA SER A 317 -17.67 12.94 -1.50
C SER A 317 -17.87 11.51 -1.00
N LEU A 318 -17.38 10.51 -1.72
CA LEU A 318 -17.52 9.13 -1.28
C LEU A 318 -16.73 8.92 -0.01
N LYS A 319 -17.34 8.24 0.97
CA LYS A 319 -16.68 7.99 2.24
C LYS A 319 -15.84 6.71 2.17
N TYR A 320 -16.43 5.61 1.73
CA TYR A 320 -15.71 4.34 1.59
C TYR A 320 -15.67 3.92 0.13
N LYS A 321 -14.46 3.68 -0.38
CA LYS A 321 -14.22 3.37 -1.79
C LYS A 321 -13.54 2.01 -1.90
N TYR A 322 -14.29 0.96 -1.58
CA TYR A 322 -13.69 -0.35 -1.50
C TYR A 322 -13.81 -1.15 -2.78
N HIS A 323 -14.57 -0.68 -3.76
CA HIS A 323 -14.67 -1.38 -5.05
C HIS A 323 -13.27 -1.51 -5.67
N PRO A 324 -12.86 -2.69 -6.12
CA PRO A 324 -11.47 -2.84 -6.62
C PRO A 324 -11.15 -1.91 -7.79
N GLU A 325 -12.14 -1.41 -8.51
CA GLU A 325 -11.86 -0.43 -9.56
C GLU A 325 -11.19 0.82 -9.01
N TYR A 326 -11.31 1.10 -7.71
CA TYR A 326 -10.67 2.27 -7.13
C TYR A 326 -9.16 2.15 -7.05
N GLN A 327 -8.62 0.92 -7.11
CA GLN A 327 -7.17 0.79 -7.23
C GLN A 327 -6.67 1.50 -8.47
N TYR A 328 -7.46 1.47 -9.54
CA TYR A 328 -7.10 2.12 -10.78
C TYR A 328 -7.41 3.62 -10.71
N LEU A 329 -8.59 3.98 -10.20
CA LEU A 329 -8.97 5.38 -10.19
C LEU A 329 -8.11 6.18 -9.21
N ASN A 330 -7.79 5.60 -8.05
CA ASN A 330 -6.97 6.32 -7.07
C ASN A 330 -5.59 6.63 -7.62
N ILE A 331 -5.01 5.69 -8.37
CA ILE A 331 -3.70 5.91 -8.98
C ILE A 331 -3.75 7.09 -9.94
N ILE A 332 -4.83 7.19 -10.73
CA ILE A 332 -5.03 8.35 -11.61
C ILE A 332 -5.09 9.63 -10.79
N TYR A 333 -5.95 9.65 -9.77
CA TYR A 333 -5.99 10.76 -8.84
C TYR A 333 -4.59 11.08 -8.33
N ASP A 334 -3.85 10.06 -7.91
CA ASP A 334 -2.55 10.32 -7.32
C ASP A 334 -1.60 10.95 -8.33
N ILE A 335 -1.64 10.48 -9.57
CA ILE A 335 -0.77 11.05 -10.59
C ILE A 335 -1.22 12.47 -10.93
N MET A 336 -2.53 12.71 -10.97
CA MET A 336 -3.01 14.07 -11.24
C MET A 336 -2.58 15.04 -10.14
N MET A 337 -2.69 14.63 -8.88
CA MET A 337 -2.44 15.57 -7.80
C MET A 337 -0.97 15.68 -7.44
N ASN A 338 -0.19 14.63 -7.69
CA ASN A 338 1.21 14.63 -7.29
C ASN A 338 2.19 14.27 -8.39
N GLY A 339 1.72 14.01 -9.61
CA GLY A 339 2.60 13.56 -10.65
C GLY A 339 3.61 14.62 -11.06
N ASN A 340 4.67 14.15 -11.68
CA ASN A 340 5.73 15.03 -12.17
C ASN A 340 5.43 15.35 -13.63
N LYS A 341 5.52 16.63 -13.99
CA LYS A 341 5.38 17.04 -15.38
C LYS A 341 6.64 16.65 -16.13
N GLN A 342 6.49 15.96 -17.26
CA GLN A 342 7.62 15.54 -18.07
C GLN A 342 7.21 15.51 -19.54
N SER A 343 8.19 15.67 -20.42
CA SER A 343 8.00 15.37 -21.82
C SER A 343 8.11 13.85 -22.04
N ASP A 344 7.85 13.40 -23.25
CA ASP A 344 8.08 11.99 -23.53
C ASP A 344 8.40 11.83 -25.01
N ARG A 345 8.70 10.57 -25.39
CA ARG A 345 9.03 10.24 -26.76
C ARG A 345 8.00 10.78 -27.74
N THR A 346 6.73 10.79 -27.34
CA THR A 346 5.64 11.21 -28.22
C THR A 346 5.48 12.73 -28.29
N GLY A 347 6.01 13.48 -27.31
CA GLY A 347 5.88 14.93 -27.26
C GLY A 347 4.59 15.46 -26.68
N VAL A 348 3.61 14.60 -26.40
CA VAL A 348 2.37 15.06 -25.77
C VAL A 348 2.68 15.64 -24.39
N GLY A 349 3.59 15.04 -23.65
CA GLY A 349 3.78 15.42 -22.27
C GLY A 349 2.85 14.68 -21.33
N VAL A 350 3.34 14.35 -20.13
CA VAL A 350 2.63 13.51 -19.19
C VAL A 350 2.84 14.03 -17.78
N LEU A 351 1.95 13.59 -16.89
CA LEU A 351 2.23 13.53 -15.47
C LEU A 351 2.66 12.11 -15.16
N SER A 352 3.72 11.96 -14.37
CA SER A 352 4.30 10.64 -14.19
C SER A 352 4.64 10.42 -12.73
N LYS A 353 4.46 9.18 -12.27
CA LYS A 353 5.00 8.66 -11.01
C LYS A 353 5.68 7.32 -11.29
N PHE A 354 6.24 6.70 -10.26
CA PHE A 354 7.17 5.58 -10.45
C PHE A 354 6.90 4.54 -9.37
N GLY A 355 6.30 3.41 -9.73
CA GLY A 355 6.08 2.33 -8.77
C GLY A 355 4.71 2.21 -8.10
N TYR A 356 3.82 1.41 -8.67
CA TYR A 356 2.54 1.11 -8.05
C TYR A 356 2.25 -0.38 -8.11
N ILE A 357 1.33 -0.82 -7.28
CA ILE A 357 0.86 -2.20 -7.31
C ILE A 357 -0.64 -2.22 -7.12
N MET A 358 -1.34 -2.93 -8.01
CA MET A 358 -2.76 -3.24 -7.90
C MET A 358 -2.92 -4.75 -7.77
N LYS A 359 -3.97 -5.18 -7.05
CA LYS A 359 -4.27 -6.61 -6.91
C LYS A 359 -5.74 -6.85 -7.18
N PHE A 360 -6.03 -7.87 -7.95
CA PHE A 360 -7.40 -8.18 -8.35
C PHE A 360 -7.67 -9.65 -8.02
N ASP A 361 -8.81 -9.92 -7.38
CA ASP A 361 -9.18 -11.27 -6.97
C ASP A 361 -10.04 -11.90 -8.07
N LEU A 362 -9.42 -12.68 -8.95
CA LEU A 362 -10.16 -13.32 -10.02
C LEU A 362 -11.08 -14.42 -9.52
N SER A 363 -10.90 -14.89 -8.29
CA SER A 363 -11.91 -15.82 -7.79
C SER A 363 -13.24 -15.13 -7.54
N GLN A 364 -13.26 -13.81 -7.35
CA GLN A 364 -14.47 -13.06 -7.02
C GLN A 364 -15.05 -12.21 -8.14
N TYR A 365 -14.28 -11.87 -9.17
CA TYR A 365 -14.78 -10.99 -10.24
C TYR A 365 -13.78 -10.99 -11.39
N PHE A 366 -14.26 -10.62 -12.59
CA PHE A 366 -13.37 -10.28 -13.69
C PHE A 366 -13.23 -8.77 -13.75
N PRO A 367 -12.02 -8.20 -13.54
CA PRO A 367 -11.88 -6.73 -13.36
C PRO A 367 -11.80 -5.98 -14.70
N LEU A 368 -12.89 -6.07 -15.46
CA LEU A 368 -13.10 -5.21 -16.61
C LEU A 368 -13.70 -3.90 -16.12
N LEU A 369 -13.02 -2.79 -16.41
CA LEU A 369 -13.41 -1.52 -15.83
C LEU A 369 -14.84 -1.18 -16.21
N THR A 370 -15.58 -0.60 -15.27
CA THR A 370 -16.97 -0.25 -15.50
C THR A 370 -17.21 1.24 -15.62
N THR A 371 -16.24 2.08 -15.24
CA THR A 371 -16.47 3.50 -15.36
C THR A 371 -16.30 4.01 -16.77
N LYS A 372 -16.08 3.11 -17.72
CA LYS A 372 -16.18 3.42 -19.14
C LYS A 372 -16.33 2.10 -19.87
N LYS A 373 -16.74 2.17 -21.13
CA LYS A 373 -17.01 0.96 -21.90
C LYS A 373 -15.73 0.43 -22.53
N LEU A 374 -15.50 -0.87 -22.35
CA LEU A 374 -14.34 -1.56 -22.91
C LEU A 374 -14.81 -2.76 -23.71
N PHE A 375 -14.09 -3.07 -24.79
CA PHE A 375 -14.34 -4.22 -25.65
C PHE A 375 -13.16 -5.19 -25.57
N LEU A 376 -13.43 -6.48 -25.69
CA LEU A 376 -12.40 -7.47 -25.42
C LEU A 376 -12.05 -8.37 -26.60
N ARG A 377 -12.76 -8.29 -27.72
CA ARG A 377 -12.47 -9.22 -28.82
C ARG A 377 -11.05 -8.99 -29.36
N GLY A 378 -10.66 -7.72 -29.53
CA GLY A 378 -9.32 -7.42 -30.01
C GLY A 378 -8.24 -7.95 -29.09
N ILE A 379 -8.32 -7.64 -27.79
CA ILE A 379 -7.25 -8.07 -26.89
C ILE A 379 -7.24 -9.57 -26.72
N ILE A 380 -8.35 -10.27 -26.98
CA ILE A 380 -8.34 -11.72 -26.90
C ILE A 380 -7.68 -12.32 -28.15
N GLU A 381 -8.05 -11.83 -29.33
CA GLU A 381 -7.35 -12.21 -30.55
C GLU A 381 -5.86 -11.91 -30.43
N GLU A 382 -5.50 -10.74 -29.87
CA GLU A 382 -4.09 -10.45 -29.61
C GLU A 382 -3.44 -11.53 -28.76
N LEU A 383 -4.08 -11.89 -27.65
CA LEU A 383 -3.52 -12.91 -26.76
C LEU A 383 -3.38 -14.25 -27.47
N LEU A 384 -4.38 -14.64 -28.27
CA LEU A 384 -4.24 -15.91 -28.98
C LEU A 384 -3.13 -15.82 -30.01
N TRP A 385 -3.01 -14.68 -30.65
CA TRP A 385 -1.94 -14.42 -31.61
C TRP A 385 -0.57 -14.51 -30.94
N PHE A 386 -0.45 -13.95 -29.72
CA PHE A 386 0.76 -14.17 -28.92
C PHE A 386 1.07 -15.65 -28.76
N ILE A 387 0.09 -16.41 -28.27
CA ILE A 387 0.31 -17.80 -27.88
C ILE A 387 0.69 -18.65 -29.08
N ARG A 388 0.18 -18.32 -30.27
CA ARG A 388 0.65 -19.01 -31.46
C ARG A 388 2.09 -18.65 -31.82
N GLY A 389 2.70 -17.68 -31.13
CA GLY A 389 4.04 -17.28 -31.48
C GLY A 389 4.14 -16.40 -32.71
N GLU A 390 3.03 -15.82 -33.14
CA GLU A 390 3.03 -15.07 -34.38
C GLU A 390 3.64 -13.70 -34.20
N THR A 391 4.20 -13.19 -35.29
CA THR A 391 4.66 -11.81 -35.36
C THR A 391 4.13 -11.10 -36.59
N ASN A 392 3.17 -11.70 -37.30
CA ASN A 392 2.62 -11.15 -38.54
C ASN A 392 1.44 -10.25 -38.21
N GLY A 393 1.59 -8.95 -38.47
CA GLY A 393 0.55 -8.00 -38.17
C GLY A 393 -0.67 -8.12 -39.05
N ASN A 394 -0.53 -8.73 -40.23
CA ASN A 394 -1.66 -8.93 -41.13
C ASN A 394 -2.70 -9.86 -40.52
N THR A 395 -2.26 -10.85 -39.73
CA THR A 395 -3.20 -11.77 -39.11
C THR A 395 -4.22 -11.01 -38.27
N LEU A 396 -3.77 -10.00 -37.50
CA LEU A 396 -4.70 -9.22 -36.70
C LEU A 396 -5.57 -8.35 -37.58
N LEU A 397 -4.96 -7.63 -38.52
CA LEU A 397 -5.70 -6.74 -39.41
C LEU A 397 -6.78 -7.48 -40.20
N ASN A 398 -6.54 -8.75 -40.52
CA ASN A 398 -7.52 -9.52 -41.26
C ASN A 398 -8.73 -9.89 -40.41
N LYS A 399 -8.56 -9.96 -39.09
CA LYS A 399 -9.65 -10.05 -38.13
C LYS A 399 -10.18 -8.68 -37.74
N ASN A 400 -9.76 -7.63 -38.45
CA ASN A 400 -10.12 -6.24 -38.13
C ASN A 400 -9.74 -5.89 -36.69
N VAL A 401 -8.55 -6.34 -36.25
CA VAL A 401 -7.95 -5.94 -34.98
C VAL A 401 -6.73 -5.08 -35.30
N ARG A 402 -6.82 -3.81 -34.95
CA ARG A 402 -5.88 -2.79 -35.40
C ARG A 402 -4.95 -2.32 -34.29
N ILE A 403 -4.81 -3.09 -33.22
CA ILE A 403 -3.98 -2.67 -32.10
C ILE A 403 -2.56 -2.34 -32.56
N TRP A 404 -1.99 -3.18 -33.42
CA TRP A 404 -0.60 -3.05 -33.85
C TRP A 404 -0.43 -2.37 -35.21
N GLU A 405 -1.49 -1.80 -35.79
CA GLU A 405 -1.43 -1.29 -37.15
C GLU A 405 -0.42 -0.15 -37.30
N ALA A 406 -0.45 0.82 -36.38
CA ALA A 406 0.46 1.96 -36.48
C ALA A 406 1.92 1.56 -36.29
N ASN A 407 2.17 0.44 -35.63
CA ASN A 407 3.50 -0.02 -35.35
C ASN A 407 4.09 -0.81 -36.50
N GLY A 408 3.32 -0.99 -37.58
CA GLY A 408 3.73 -1.85 -38.67
C GLY A 408 3.86 -1.15 -40.01
N THR A 409 3.70 0.17 -40.02
CA THR A 409 3.75 0.89 -41.29
C THR A 409 5.19 1.07 -41.74
N ARG A 410 5.32 1.24 -43.06
CA ARG A 410 6.61 1.57 -43.66
C ARG A 410 7.26 2.72 -42.93
N GLU A 411 6.51 3.81 -42.69
CA GLU A 411 7.05 4.98 -42.00
C GLU A 411 7.51 4.63 -40.61
N PHE A 412 6.68 3.88 -39.86
CA PHE A 412 7.05 3.58 -38.48
C PHE A 412 8.25 2.66 -38.43
N LEU A 413 8.26 1.64 -39.29
CA LEU A 413 9.41 0.75 -39.37
C LEU A 413 10.67 1.51 -39.77
N ASP A 414 10.59 2.36 -40.80
CA ASP A 414 11.76 3.14 -41.21
C ASP A 414 12.27 4.02 -40.08
N ASN A 415 11.38 4.67 -39.35
CA ASN A 415 11.84 5.48 -38.23
C ASN A 415 12.43 4.63 -37.11
N ARG A 416 12.21 3.32 -37.11
CA ARG A 416 12.91 2.41 -36.21
C ARG A 416 14.21 1.91 -36.77
N LYS A 417 14.62 2.42 -37.95
CA LYS A 417 15.75 1.90 -38.72
C LYS A 417 15.53 0.46 -39.17
N LEU A 418 14.28 0.00 -39.21
CA LEU A 418 13.99 -1.35 -39.72
C LEU A 418 13.74 -1.27 -41.23
N PHE A 419 14.79 -0.84 -41.95
CA PHE A 419 14.67 -0.52 -43.37
C PHE A 419 14.42 -1.76 -44.21
N HIS A 420 14.95 -2.91 -43.80
CA HIS A 420 14.79 -4.17 -44.50
C HIS A 420 13.65 -5.01 -43.94
N ARG A 421 12.66 -4.38 -43.32
CA ARG A 421 11.57 -5.09 -42.68
C ARG A 421 10.29 -4.86 -43.48
N GLU A 422 9.61 -5.95 -43.87
CA GLU A 422 8.35 -5.84 -44.59
C GLU A 422 7.27 -5.20 -43.71
N VAL A 423 6.32 -4.50 -44.36
CA VAL A 423 5.24 -3.84 -43.66
C VAL A 423 4.44 -4.86 -42.88
N ASN A 424 4.13 -4.53 -41.62
CA ASN A 424 3.40 -5.35 -40.65
C ASN A 424 4.21 -6.55 -40.17
N ASP A 425 5.48 -6.67 -40.55
CA ASP A 425 6.37 -7.63 -39.91
C ASP A 425 6.93 -6.98 -38.67
N LEU A 426 6.38 -7.33 -37.50
CA LEU A 426 6.73 -6.60 -36.28
C LEU A 426 8.02 -7.10 -35.62
N GLY A 427 8.69 -8.09 -36.20
CA GLY A 427 9.94 -8.55 -35.65
C GLY A 427 9.70 -9.40 -34.42
N PRO A 428 10.79 -9.69 -33.65
CA PRO A 428 10.73 -10.71 -32.56
C PRO A 428 10.13 -10.17 -31.28
N ILE A 429 8.83 -9.91 -31.32
CA ILE A 429 8.08 -9.31 -30.22
C ILE A 429 7.45 -10.43 -29.40
N TYR A 430 6.46 -10.08 -28.56
CA TYR A 430 5.86 -10.98 -27.57
C TYR A 430 5.73 -12.43 -28.02
N GLY A 431 4.98 -12.67 -29.10
CA GLY A 431 4.75 -14.04 -29.51
C GLY A 431 6.03 -14.81 -29.77
N PHE A 432 6.99 -14.17 -30.43
CA PHE A 432 8.24 -14.85 -30.77
C PHE A 432 9.06 -15.12 -29.53
N GLN A 433 9.05 -14.19 -28.55
CA GLN A 433 9.79 -14.39 -27.31
C GLN A 433 9.16 -15.47 -26.44
N TRP A 434 7.81 -15.59 -26.42
CA TRP A 434 7.18 -16.61 -25.59
C TRP A 434 7.43 -18.02 -26.12
N ARG A 435 7.52 -18.19 -27.46
CA ARG A 435 7.76 -19.52 -28.01
C ARG A 435 9.18 -19.75 -28.54
N HIS A 436 10.02 -18.70 -28.68
CA HIS A 436 11.27 -18.92 -29.41
C HIS A 436 12.42 -18.06 -28.91
N PHE A 437 12.40 -17.69 -27.63
CA PHE A 437 13.41 -16.81 -27.08
C PHE A 437 14.82 -17.31 -27.39
N GLY A 438 15.63 -16.41 -27.94
CA GLY A 438 17.00 -16.73 -28.25
C GLY A 438 17.21 -17.23 -29.65
N ALA A 439 16.14 -17.57 -30.37
CA ALA A 439 16.28 -17.92 -31.78
C ALA A 439 16.55 -16.65 -32.58
N GLU A 440 17.26 -16.82 -33.69
CA GLU A 440 17.52 -15.70 -34.58
C GLU A 440 16.27 -15.43 -35.40
N TYR A 441 15.76 -14.19 -35.33
CA TYR A 441 14.59 -13.83 -36.12
C TYR A 441 14.99 -13.61 -37.58
N THR A 442 14.17 -14.13 -38.50
CA THR A 442 14.40 -13.87 -39.92
C THR A 442 13.30 -12.98 -40.48
N ASN A 443 12.11 -13.54 -40.75
CA ASN A 443 10.93 -12.79 -41.16
C ASN A 443 9.69 -13.42 -40.52
N MET A 444 8.53 -12.74 -40.66
CA MET A 444 7.29 -13.19 -40.04
C MET A 444 6.70 -14.47 -40.64
N TYR A 445 7.22 -14.94 -41.79
CA TYR A 445 6.73 -16.17 -42.42
C TYR A 445 7.57 -17.40 -42.10
N ASP A 446 8.68 -17.25 -41.39
CA ASP A 446 9.54 -18.40 -41.21
C ASP A 446 8.87 -19.39 -40.25
N ASN A 447 9.28 -20.65 -40.35
CA ASN A 447 8.84 -21.69 -39.44
C ASN A 447 9.92 -21.87 -38.38
N TYR A 448 9.67 -21.35 -37.18
CA TYR A 448 10.69 -21.35 -36.14
C TYR A 448 10.63 -22.60 -35.24
N GLU A 449 9.94 -23.65 -35.69
CA GLU A 449 9.71 -24.84 -34.88
C GLU A 449 11.01 -25.40 -34.35
N ASN A 450 11.09 -25.54 -33.02
CA ASN A 450 12.23 -26.05 -32.27
C ASN A 450 13.42 -25.10 -32.25
N LYS A 451 13.23 -23.83 -32.55
CA LYS A 451 14.27 -22.84 -32.37
C LYS A 451 13.91 -21.99 -31.16
N GLY A 452 14.91 -21.66 -30.36
CA GLY A 452 14.70 -20.81 -29.22
C GLY A 452 14.09 -21.57 -28.07
N VAL A 453 13.92 -20.86 -26.96
CA VAL A 453 13.35 -21.45 -25.76
C VAL A 453 11.85 -21.26 -25.78
N ASP A 454 11.10 -22.36 -25.77
CA ASP A 454 9.64 -22.31 -25.69
C ASP A 454 9.27 -22.15 -24.22
N GLN A 455 9.35 -20.91 -23.74
CA GLN A 455 9.18 -20.69 -22.31
C GLN A 455 7.73 -20.77 -21.90
N LEU A 456 6.80 -20.56 -22.83
CA LEU A 456 5.40 -20.77 -22.49
C LEU A 456 5.16 -22.21 -22.09
N LYS A 457 5.67 -23.16 -22.88
CA LYS A 457 5.55 -24.56 -22.51
C LYS A 457 6.28 -24.84 -21.21
N ASN A 458 7.47 -24.24 -21.03
CA ASN A 458 8.24 -24.51 -19.82
C ASN A 458 7.47 -24.08 -18.57
N ILE A 459 6.83 -22.90 -18.60
CA ILE A 459 6.18 -22.45 -17.36
C ILE A 459 4.90 -23.25 -17.10
N ILE A 460 4.24 -23.74 -18.17
CA ILE A 460 3.10 -24.62 -17.94
C ILE A 460 3.55 -25.91 -17.27
N ASN A 461 4.74 -26.41 -17.64
CA ASN A 461 5.26 -27.64 -17.03
C ASN A 461 5.68 -27.42 -15.60
N LEU A 462 6.28 -26.27 -15.29
CA LEU A 462 6.69 -26.02 -13.91
C LEU A 462 5.48 -25.88 -13.00
N ILE A 463 4.41 -25.26 -13.49
CA ILE A 463 3.22 -25.12 -12.67
C ILE A 463 2.62 -26.49 -12.36
N LYS A 464 2.53 -27.35 -13.38
CA LYS A 464 1.99 -28.69 -13.18
C LYS A 464 2.85 -29.50 -12.22
N ASN A 465 4.17 -29.55 -12.48
CA ASN A 465 5.03 -30.55 -11.89
C ASN A 465 5.97 -30.02 -10.83
N ASP A 466 6.12 -28.70 -10.70
CA ASP A 466 6.97 -28.11 -9.68
C ASP A 466 6.30 -26.84 -9.14
N PRO A 467 5.09 -26.96 -8.54
CA PRO A 467 4.30 -25.76 -8.26
C PRO A 467 4.93 -24.80 -7.26
N THR A 468 5.77 -25.27 -6.35
CA THR A 468 6.43 -24.37 -5.39
C THR A 468 7.67 -23.68 -5.95
N SER A 469 7.98 -23.87 -7.23
CA SER A 469 9.13 -23.21 -7.83
C SER A 469 9.00 -21.71 -7.75
N ARG A 470 10.10 -21.05 -7.45
CA ARG A 470 10.16 -19.61 -7.50
C ARG A 470 10.78 -19.11 -8.79
N ARG A 471 10.81 -19.96 -9.80
CA ARG A 471 11.42 -19.64 -11.08
C ARG A 471 10.40 -19.68 -12.20
N ILE A 472 9.12 -19.63 -11.86
CA ILE A 472 8.10 -19.72 -12.89
C ILE A 472 7.88 -18.32 -13.47
N LEU A 473 8.64 -17.97 -14.51
CA LEU A 473 8.69 -16.64 -15.09
C LEU A 473 8.66 -16.71 -16.61
N LEU A 474 8.00 -15.73 -17.21
CA LEU A 474 7.77 -15.65 -18.64
C LEU A 474 8.20 -14.25 -19.05
N CYS A 475 9.24 -14.14 -19.87
CA CYS A 475 9.91 -12.86 -20.08
C CYS A 475 9.88 -12.45 -21.55
N ALA A 476 9.42 -11.24 -21.82
CA ALA A 476 9.36 -10.74 -23.17
C ALA A 476 10.47 -9.73 -23.48
N TRP A 477 11.16 -9.23 -22.46
CA TRP A 477 12.24 -8.27 -22.67
C TRP A 477 13.52 -9.04 -23.01
N ASN A 478 13.69 -9.34 -24.28
CA ASN A 478 14.91 -9.98 -24.77
C ASN A 478 15.89 -8.88 -25.18
N VAL A 479 16.94 -8.69 -24.37
CA VAL A 479 17.84 -7.53 -24.53
C VAL A 479 18.51 -7.55 -25.90
N LYS A 480 18.82 -8.75 -26.40
CA LYS A 480 19.47 -8.90 -27.69
C LYS A 480 18.59 -8.41 -28.82
N ASP A 481 17.28 -8.66 -28.72
CA ASP A 481 16.37 -8.45 -29.84
C ASP A 481 15.65 -7.11 -29.79
N LEU A 482 15.87 -6.30 -28.75
CA LEU A 482 15.03 -5.12 -28.58
C LEU A 482 15.00 -4.25 -29.84
N ASP A 483 16.17 -3.94 -30.40
CA ASP A 483 16.25 -3.06 -31.57
C ASP A 483 15.62 -3.66 -32.82
N GLN A 484 15.44 -4.99 -32.88
CA GLN A 484 14.76 -5.61 -34.01
C GLN A 484 13.25 -5.58 -33.86
N MET A 485 12.75 -5.29 -32.67
CA MET A 485 11.32 -5.22 -32.45
C MET A 485 10.75 -3.89 -32.96
N ALA A 486 9.57 -3.98 -33.57
CA ALA A 486 8.80 -2.78 -33.91
C ALA A 486 8.80 -1.77 -32.77
N LEU A 487 8.59 -2.23 -31.53
CA LEU A 487 8.97 -1.45 -30.36
C LEU A 487 9.16 -2.40 -29.18
N PRO A 488 9.93 -1.99 -28.17
CA PRO A 488 10.21 -2.89 -27.06
C PRO A 488 8.95 -3.17 -26.24
N PRO A 489 8.87 -4.34 -25.61
CA PRO A 489 7.65 -4.68 -24.87
C PRO A 489 7.46 -3.77 -23.66
N CYS A 490 6.20 -3.45 -23.36
CA CYS A 490 5.86 -2.80 -22.12
C CYS A 490 5.64 -3.80 -20.99
N HIS A 491 5.02 -4.94 -21.30
CA HIS A 491 4.72 -5.98 -20.33
C HIS A 491 5.96 -6.85 -20.20
N ILE A 492 6.80 -6.49 -19.25
CA ILE A 492 8.15 -7.05 -19.16
C ILE A 492 8.10 -8.55 -18.83
N LEU A 493 7.35 -8.94 -17.81
CA LEU A 493 7.39 -10.34 -17.38
C LEU A 493 6.12 -10.70 -16.60
N CYS A 494 5.85 -11.99 -16.52
CA CYS A 494 4.82 -12.61 -15.69
C CYS A 494 5.51 -13.57 -14.76
N GLN A 495 5.23 -13.48 -13.46
CA GLN A 495 5.65 -14.53 -12.55
C GLN A 495 4.40 -15.18 -11.93
N PHE A 496 4.44 -16.49 -11.79
CA PHE A 496 3.30 -17.21 -11.28
C PHE A 496 3.60 -17.78 -9.90
N TYR A 497 2.52 -18.01 -9.17
CA TYR A 497 2.59 -18.47 -7.79
C TYR A 497 1.45 -19.46 -7.63
N VAL A 498 1.74 -20.61 -7.02
CA VAL A 498 0.75 -21.66 -6.81
C VAL A 498 0.64 -21.94 -5.32
N PHE A 499 -0.57 -21.88 -4.79
CA PHE A 499 -0.82 -22.36 -3.44
C PHE A 499 -2.21 -22.96 -3.35
N ASP A 500 -2.32 -24.13 -2.74
CA ASP A 500 -3.64 -24.67 -2.38
C ASP A 500 -4.50 -24.89 -3.62
N GLY A 501 -3.86 -25.26 -4.72
CA GLY A 501 -4.59 -25.49 -5.96
C GLY A 501 -5.04 -24.25 -6.67
N LYS A 502 -4.46 -23.08 -6.33
CA LYS A 502 -4.86 -21.80 -6.88
C LYS A 502 -3.64 -21.05 -7.43
N LEU A 503 -3.83 -20.45 -8.60
CA LEU A 503 -2.77 -19.80 -9.37
C LEU A 503 -2.90 -18.28 -9.31
N SER A 504 -1.83 -17.61 -8.88
CA SER A 504 -1.73 -16.15 -8.95
C SER A 504 -0.65 -15.74 -9.94
N CYS A 505 -0.78 -14.51 -10.45
CA CYS A 505 0.13 -13.99 -11.47
C CYS A 505 0.49 -12.54 -11.16
N ILE A 506 1.79 -12.25 -11.17
CA ILE A 506 2.32 -10.89 -11.18
C ILE A 506 2.75 -10.56 -12.59
N MET A 507 2.35 -9.39 -13.10
CA MET A 507 2.91 -8.87 -14.34
C MET A 507 3.54 -7.50 -14.10
N TYR A 508 4.80 -7.37 -14.47
CA TYR A 508 5.54 -6.12 -14.32
C TYR A 508 5.46 -5.31 -15.60
N GLN A 509 4.93 -4.10 -15.52
CA GLN A 509 4.80 -3.22 -16.68
C GLN A 509 5.78 -2.05 -16.53
N ARG A 510 6.71 -1.94 -17.49
CA ARG A 510 7.72 -0.88 -17.41
C ARG A 510 7.14 0.48 -17.74
N SER A 511 6.07 0.52 -18.52
CA SER A 511 5.57 1.79 -18.97
C SER A 511 4.06 1.66 -19.10
N CYS A 512 3.32 2.61 -18.53
CA CYS A 512 1.90 2.41 -18.30
C CYS A 512 1.14 3.67 -18.68
N ASP A 513 0.38 3.58 -19.76
CA ASP A 513 -0.53 4.65 -20.20
C ASP A 513 -1.83 4.43 -19.43
N LEU A 514 -1.97 5.16 -18.32
CA LEU A 514 -3.06 4.88 -17.38
C LEU A 514 -4.42 5.10 -18.03
N GLY A 515 -4.54 6.11 -18.89
CA GLY A 515 -5.84 6.43 -19.47
C GLY A 515 -6.28 5.52 -20.59
N LEU A 516 -5.34 4.99 -21.36
CA LEU A 516 -5.67 4.20 -22.55
C LEU A 516 -5.25 2.75 -22.44
N GLY A 517 -4.03 2.48 -22.01
CA GLY A 517 -3.49 1.14 -22.12
C GLY A 517 -3.79 0.25 -20.92
N VAL A 518 -3.55 0.77 -19.72
CA VAL A 518 -3.73 -0.01 -18.49
C VAL A 518 -5.11 -0.66 -18.41
N PRO A 519 -6.24 -0.01 -18.75
CA PRO A 519 -7.52 -0.74 -18.69
C PRO A 519 -7.47 -2.03 -19.47
N PHE A 520 -6.97 -1.99 -20.72
CA PHE A 520 -6.87 -3.19 -21.55
C PHE A 520 -5.85 -4.17 -20.98
N ASN A 521 -4.72 -3.67 -20.46
CA ASN A 521 -3.67 -4.56 -20.01
C ASN A 521 -4.12 -5.36 -18.79
N ILE A 522 -4.89 -4.74 -17.89
CA ILE A 522 -5.49 -5.49 -16.79
C ILE A 522 -6.32 -6.63 -17.32
N ALA A 523 -7.13 -6.37 -18.37
CA ALA A 523 -8.01 -7.41 -18.89
C ALA A 523 -7.21 -8.52 -19.56
N SER A 524 -6.18 -8.16 -20.34
CA SER A 524 -5.35 -9.14 -21.03
C SER A 524 -4.74 -10.15 -20.07
N TYR A 525 -4.00 -9.68 -19.08
CA TYR A 525 -3.33 -10.61 -18.21
C TYR A 525 -4.29 -11.30 -17.25
N SER A 526 -5.42 -10.68 -16.93
CA SER A 526 -6.46 -11.38 -16.18
C SER A 526 -6.98 -12.58 -16.97
N ILE A 527 -7.24 -12.40 -18.26
CA ILE A 527 -7.64 -13.54 -19.09
C ILE A 527 -6.52 -14.57 -19.15
N PHE A 528 -5.27 -14.13 -19.37
CA PHE A 528 -4.17 -15.09 -19.48
C PHE A 528 -4.04 -15.91 -18.21
N THR A 529 -4.24 -15.29 -17.04
CA THR A 529 -4.22 -16.05 -15.79
C THR A 529 -5.28 -17.15 -15.78
N HIS A 530 -6.50 -16.84 -16.25
CA HIS A 530 -7.54 -17.87 -16.32
C HIS A 530 -7.13 -19.02 -17.23
N MET A 531 -6.57 -18.70 -18.41
CA MET A 531 -6.19 -19.74 -19.36
C MET A 531 -5.09 -20.63 -18.80
N ILE A 532 -4.04 -20.04 -18.23
CA ILE A 532 -2.98 -20.86 -17.66
C ILE A 532 -3.51 -21.69 -16.50
N ALA A 533 -4.33 -21.10 -15.63
CA ALA A 533 -4.87 -21.84 -14.50
C ALA A 533 -5.68 -23.05 -14.98
N GLN A 534 -6.55 -22.86 -15.98
CA GLN A 534 -7.41 -23.95 -16.42
C GLN A 534 -6.61 -25.11 -17.01
N VAL A 535 -5.66 -24.82 -17.91
CA VAL A 535 -4.90 -25.91 -18.53
C VAL A 535 -3.89 -26.54 -17.59
N CYS A 536 -3.67 -25.95 -16.41
CA CYS A 536 -2.91 -26.59 -15.34
C CYS A 536 -3.80 -27.16 -14.26
N ASN A 537 -5.12 -27.14 -14.48
CA ASN A 537 -6.12 -27.63 -13.56
C ASN A 537 -5.98 -26.99 -12.18
N LEU A 538 -5.97 -25.66 -12.18
CA LEU A 538 -5.88 -24.87 -10.96
C LEU A 538 -7.02 -23.87 -10.98
N GLN A 539 -7.29 -23.26 -9.84
CA GLN A 539 -8.26 -22.18 -9.98
C GLN A 539 -7.55 -20.83 -9.98
N PRO A 540 -8.03 -19.87 -10.76
CA PRO A 540 -7.43 -18.52 -10.72
C PRO A 540 -7.62 -17.87 -9.36
N ALA A 541 -6.59 -17.16 -8.90
CA ALA A 541 -6.65 -16.47 -7.62
C ALA A 541 -6.41 -15.00 -7.86
N GLN A 542 -5.23 -14.46 -7.54
CA GLN A 542 -4.98 -13.03 -7.77
C GLN A 542 -4.23 -12.75 -9.06
N PHE A 543 -4.66 -11.71 -9.75
CA PHE A 543 -3.83 -11.04 -10.72
C PHE A 543 -3.25 -9.81 -10.06
N ILE A 544 -1.93 -9.69 -10.10
CA ILE A 544 -1.19 -8.63 -9.42
C ILE A 544 -0.44 -7.81 -10.47
N HIS A 545 -0.61 -6.50 -10.45
CA HIS A 545 -0.15 -5.63 -11.52
C HIS A 545 0.83 -4.60 -10.96
N VAL A 546 2.13 -4.73 -11.28
CA VAL A 546 3.13 -3.78 -10.79
C VAL A 546 3.45 -2.79 -11.90
N LEU A 547 3.20 -1.51 -11.65
CA LEU A 547 3.45 -0.44 -12.61
C LEU A 547 4.80 0.21 -12.31
N GLY A 548 5.65 0.27 -13.31
CA GLY A 548 6.88 1.05 -13.20
C GLY A 548 6.68 2.52 -13.48
N ASN A 549 6.95 2.95 -14.71
CA ASN A 549 6.72 4.34 -15.10
C ASN A 549 5.24 4.49 -15.42
N ALA A 550 4.50 5.11 -14.51
CA ALA A 550 3.05 5.20 -14.62
C ALA A 550 2.70 6.64 -14.97
N HIS A 551 2.01 6.83 -16.08
CA HIS A 551 1.84 8.18 -16.58
C HIS A 551 0.45 8.39 -17.14
N VAL A 552 0.01 9.65 -17.03
CA VAL A 552 -1.21 10.15 -17.62
C VAL A 552 -0.83 11.19 -18.66
N TYR A 553 -1.26 10.97 -19.91
CA TYR A 553 -1.02 11.97 -20.95
C TYR A 553 -1.89 13.20 -20.68
N ASN A 554 -1.29 14.38 -20.85
CA ASN A 554 -2.04 15.62 -20.65
C ASN A 554 -3.27 15.67 -21.55
N ASN A 555 -3.20 15.03 -22.71
CA ASN A 555 -4.31 14.90 -23.64
C ASN A 555 -5.47 14.09 -23.07
N HIS A 556 -5.29 13.38 -21.96
CA HIS A 556 -6.36 12.57 -21.41
C HIS A 556 -7.00 13.18 -20.17
N ILE A 557 -6.50 14.32 -19.68
CA ILE A 557 -6.83 14.75 -18.33
C ILE A 557 -8.31 15.08 -18.21
N ASP A 558 -8.89 15.76 -19.19
CA ASP A 558 -10.29 16.15 -19.08
C ASP A 558 -11.21 14.93 -19.13
N SER A 559 -10.86 13.94 -19.94
CA SER A 559 -11.63 12.70 -19.97
C SER A 559 -11.52 11.95 -18.67
N LEU A 560 -10.34 11.91 -18.05
CA LEU A 560 -10.21 11.18 -16.80
C LEU A 560 -10.88 11.92 -15.65
N LYS A 561 -11.00 13.25 -15.73
CA LYS A 561 -11.77 13.95 -14.72
C LYS A 561 -13.22 13.51 -14.75
N ILE A 562 -13.81 13.46 -15.95
CA ILE A 562 -15.12 12.85 -16.12
C ILE A 562 -15.17 11.46 -15.50
N GLN A 563 -14.17 10.63 -15.81
CA GLN A 563 -14.27 9.22 -15.47
C GLN A 563 -14.16 9.02 -13.97
N LEU A 564 -13.35 9.82 -13.28
CA LEU A 564 -13.16 9.65 -11.84
C LEU A 564 -14.41 10.03 -11.07
N ASN A 565 -15.34 10.75 -11.69
CA ASN A 565 -16.58 11.16 -11.03
C ASN A 565 -17.73 10.25 -11.39
N ARG A 566 -17.43 9.07 -11.89
CA ARG A 566 -18.41 8.01 -12.06
C ARG A 566 -18.20 6.96 -10.99
N ILE A 567 -19.28 6.33 -10.57
CA ILE A 567 -19.24 5.32 -9.52
C ILE A 567 -19.24 3.95 -10.19
N PRO A 568 -18.26 3.12 -9.93
CA PRO A 568 -18.24 1.80 -10.57
C PRO A 568 -19.47 0.98 -10.24
N TYR A 569 -19.79 0.11 -11.15
CA TYR A 569 -20.75 -0.96 -11.12
C TYR A 569 -20.08 -2.27 -10.68
N PRO A 570 -20.84 -3.23 -10.20
CA PRO A 570 -20.25 -4.55 -9.94
C PRO A 570 -19.62 -5.12 -11.22
N PHE A 571 -18.43 -5.67 -11.05
CA PHE A 571 -17.66 -6.23 -12.16
C PHE A 571 -18.40 -7.39 -12.83
N PRO A 572 -18.05 -7.70 -14.09
CA PRO A 572 -18.58 -8.91 -14.72
C PRO A 572 -17.82 -10.18 -14.32
N THR A 573 -18.15 -11.28 -14.99
CA THR A 573 -17.48 -12.56 -14.82
C THR A 573 -16.95 -13.02 -16.17
N LEU A 574 -15.94 -13.90 -16.13
CA LEU A 574 -15.34 -14.47 -17.32
C LEU A 574 -15.54 -15.97 -17.28
N LYS A 575 -16.08 -16.55 -18.35
CA LYS A 575 -16.23 -17.99 -18.45
C LYS A 575 -15.42 -18.54 -19.63
N LEU A 576 -14.71 -19.64 -19.40
CA LEU A 576 -13.95 -20.33 -20.44
C LEU A 576 -14.57 -21.69 -20.72
N ASN A 577 -14.56 -22.09 -21.98
CA ASN A 577 -14.91 -23.43 -22.37
C ASN A 577 -14.07 -24.43 -21.56
N PRO A 578 -14.70 -25.25 -20.70
CA PRO A 578 -13.92 -26.11 -19.80
C PRO A 578 -13.26 -27.29 -20.48
N ASP A 579 -13.56 -27.54 -21.76
CA ASP A 579 -12.97 -28.67 -22.47
C ASP A 579 -11.59 -28.34 -23.07
N ILE A 580 -11.13 -27.10 -22.97
CA ILE A 580 -9.81 -26.74 -23.47
C ILE A 580 -8.78 -27.16 -22.44
N LYS A 581 -7.95 -28.14 -22.79
CA LYS A 581 -6.96 -28.71 -21.89
C LYS A 581 -5.53 -28.25 -22.16
N ASN A 582 -5.26 -27.63 -23.30
CA ASN A 582 -3.91 -27.14 -23.61
C ASN A 582 -3.97 -25.69 -24.06
N ILE A 583 -2.93 -24.93 -23.68
CA ILE A 583 -2.89 -23.48 -23.84
C ILE A 583 -3.02 -23.05 -25.29
N GLU A 584 -2.67 -23.93 -26.24
CA GLU A 584 -2.68 -23.61 -27.66
C GLU A 584 -4.02 -23.81 -28.32
N ASP A 585 -5.01 -24.34 -27.59
CA ASP A 585 -6.24 -24.82 -28.18
C ASP A 585 -7.43 -23.88 -28.02
N PHE A 586 -7.22 -22.68 -27.47
CA PHE A 586 -8.33 -21.75 -27.33
C PHE A 586 -8.61 -21.03 -28.64
N THR A 587 -9.89 -20.71 -28.85
CA THR A 587 -10.35 -19.83 -29.91
C THR A 587 -11.27 -18.79 -29.30
N ILE A 588 -11.46 -17.70 -30.04
CA ILE A 588 -12.27 -16.57 -29.56
C ILE A 588 -13.59 -17.01 -28.94
N SER A 589 -14.23 -18.07 -29.46
CA SER A 589 -15.55 -18.46 -28.96
C SER A 589 -15.51 -19.22 -27.64
N ASP A 590 -14.33 -19.54 -27.13
CA ASP A 590 -14.20 -20.22 -25.85
C ASP A 590 -14.22 -19.27 -24.67
N PHE A 591 -14.44 -17.97 -24.92
CA PHE A 591 -14.43 -16.95 -23.89
C PHE A 591 -15.81 -16.29 -23.87
N THR A 592 -16.39 -16.16 -22.66
CA THR A 592 -17.60 -15.35 -22.51
C THR A 592 -17.48 -14.41 -21.32
N ILE A 593 -17.76 -13.14 -21.57
CA ILE A 593 -17.88 -12.13 -20.52
C ILE A 593 -19.36 -11.91 -20.24
N GLN A 594 -19.78 -12.17 -19.02
CA GLN A 594 -21.19 -12.10 -18.67
C GLN A 594 -21.45 -10.97 -17.70
N ASN A 595 -22.56 -10.27 -17.92
CA ASN A 595 -23.08 -9.26 -16.98
C ASN A 595 -22.16 -8.06 -16.86
N TYR A 596 -21.54 -7.68 -17.98
CA TYR A 596 -20.82 -6.42 -18.06
C TYR A 596 -21.82 -5.28 -17.94
N VAL A 597 -21.80 -4.56 -16.82
CA VAL A 597 -22.54 -3.32 -16.65
C VAL A 597 -21.55 -2.18 -16.57
N HIS A 598 -21.77 -1.12 -17.35
CA HIS A 598 -20.74 -0.11 -17.52
C HIS A 598 -21.33 1.24 -17.87
N HIS A 599 -20.62 2.28 -17.46
CA HIS A 599 -20.90 3.63 -17.92
C HIS A 599 -20.63 3.76 -19.43
N GLU A 600 -20.94 4.94 -19.93
CA GLU A 600 -20.86 5.21 -21.36
C GLU A 600 -19.40 5.25 -21.83
N LYS A 601 -19.20 4.89 -23.10
CA LYS A 601 -17.90 4.97 -23.75
C LYS A 601 -17.31 6.37 -23.63
N ILE A 602 -15.97 6.44 -23.64
CA ILE A 602 -15.23 7.69 -23.50
C ILE A 602 -14.12 7.73 -24.55
N SER A 603 -14.08 8.79 -25.34
CA SER A 603 -12.90 9.11 -26.13
C SER A 603 -11.87 9.78 -25.23
N MET A 604 -10.71 9.15 -25.06
CA MET A 604 -9.73 9.75 -24.16
C MET A 604 -9.21 11.08 -24.71
N ASP A 605 -9.27 11.28 -26.01
CA ASP A 605 -8.95 12.55 -26.64
C ASP A 605 -10.19 13.43 -26.84
N GLN B 4 -2.15 10.98 39.41
CA GLN B 4 -0.81 11.52 39.64
C GLN B 4 -0.69 12.97 39.13
N VAL B 5 0.21 13.72 39.77
CA VAL B 5 0.45 15.13 39.43
C VAL B 5 0.63 15.31 37.92
N CYS B 6 1.60 14.59 37.34
CA CYS B 6 1.94 14.80 35.93
C CYS B 6 0.79 14.42 34.99
N ASP B 7 -0.11 13.54 35.42
CA ASP B 7 -1.31 13.25 34.65
C ASP B 7 -2.37 14.31 34.85
N VAL B 8 -2.51 14.83 36.08
CA VAL B 8 -3.38 15.97 36.33
C VAL B 8 -2.98 17.15 35.45
N PHE B 9 -1.72 17.58 35.58
CA PHE B 9 -1.28 18.83 34.99
C PHE B 9 -0.56 18.66 33.65
N ASP B 10 -0.45 17.43 33.14
CA ASP B 10 0.03 17.17 31.78
C ASP B 10 1.45 17.73 31.58
N ILE B 11 2.36 17.20 32.37
CA ILE B 11 3.74 17.66 32.40
C ILE B 11 4.56 16.75 31.50
N TYR B 12 5.19 17.34 30.49
CA TYR B 12 6.00 16.60 29.55
C TYR B 12 7.40 17.18 29.50
N ALA B 13 8.33 16.35 29.03
CA ALA B 13 9.70 16.74 28.75
C ALA B 13 9.94 16.66 27.25
N ILE B 14 10.69 17.61 26.71
CA ILE B 14 11.05 17.55 25.31
C ILE B 14 12.54 17.87 25.20
N CYS B 15 13.29 17.02 24.51
CA CYS B 15 14.74 17.16 24.49
C CYS B 15 15.27 16.65 23.17
N ALA B 16 16.55 16.96 22.94
CA ALA B 16 17.29 16.61 21.73
C ALA B 16 18.67 16.14 22.16
N CYS B 17 19.05 14.93 21.76
CA CYS B 17 20.30 14.34 22.22
C CYS B 17 21.11 13.79 21.06
N CYS B 18 22.40 14.16 21.02
CA CYS B 18 23.35 13.60 20.06
C CYS B 18 24.13 12.47 20.71
N LYS B 19 24.98 11.84 19.91
CA LYS B 19 25.92 10.88 20.45
C LYS B 19 27.17 11.61 20.94
N VAL B 20 27.86 11.01 21.89
CA VAL B 20 28.97 11.67 22.59
C VAL B 20 30.28 10.98 22.21
N GLU B 21 31.38 11.62 22.57
CA GLU B 21 32.69 11.06 22.30
C GLU B 21 33.04 9.95 23.27
N ASN B 29 34.13 -3.41 18.79
CA ASN B 29 32.68 -3.50 18.58
C ASN B 29 31.94 -2.72 19.68
N GLU B 30 31.32 -1.62 19.30
CA GLU B 30 30.60 -0.81 20.27
C GLU B 30 29.19 -1.34 20.45
N VAL B 31 28.74 -1.35 21.69
CA VAL B 31 27.38 -1.74 22.04
C VAL B 31 26.52 -0.49 22.07
N PHE B 32 25.33 -0.58 21.48
CA PHE B 32 24.41 0.54 21.46
C PHE B 32 23.15 0.22 22.25
N ASN B 33 22.48 1.28 22.67
CA ASN B 33 21.25 1.23 23.46
C ASN B 33 20.64 2.63 23.41
N ASN B 34 19.48 2.79 24.06
CA ASN B 34 18.85 4.11 24.06
C ASN B 34 19.77 5.17 24.66
N TYR B 35 20.63 4.79 25.63
CA TYR B 35 21.53 5.75 26.26
C TYR B 35 22.61 6.25 25.32
N THR B 36 22.81 5.60 24.17
CA THR B 36 23.75 6.10 23.18
C THR B 36 23.46 7.55 22.80
N PHE B 37 22.19 7.96 22.90
CA PHE B 37 21.78 9.32 22.58
C PHE B 37 21.54 10.05 23.89
N ARG B 38 22.49 10.89 24.28
CA ARG B 38 22.36 11.55 25.57
C ARG B 38 23.02 12.92 25.63
N GLY B 39 23.67 13.39 24.56
CA GLY B 39 24.35 14.66 24.63
C GLY B 39 23.40 15.83 24.51
N LEU B 40 23.33 16.67 25.56
CA LEU B 40 22.45 17.84 25.59
C LEU B 40 23.16 19.14 25.24
N GLY B 41 24.31 19.41 25.84
CA GLY B 41 24.97 20.68 25.63
C GLY B 41 26.46 20.57 25.83
N ASN B 42 27.15 21.68 25.56
CA ASN B 42 28.61 21.73 25.69
C ASN B 42 29.01 23.19 25.85
N LYS B 43 29.62 23.52 26.99
CA LYS B 43 30.19 24.85 27.23
C LYS B 43 29.12 25.96 27.09
N GLY B 44 27.96 25.72 27.68
CA GLY B 44 26.87 26.67 27.69
C GLY B 44 26.13 26.86 26.38
N VAL B 45 26.43 26.06 25.35
CA VAL B 45 25.72 26.13 24.08
C VAL B 45 25.22 24.74 23.71
N LEU B 46 24.58 24.66 22.58
CA LEU B 46 24.22 23.36 22.01
C LEU B 46 25.45 22.70 21.40
N PRO B 47 25.55 21.37 21.50
CA PRO B 47 26.76 20.69 21.00
C PRO B 47 26.93 20.76 19.50
N TRP B 48 25.87 21.08 18.77
CA TRP B 48 25.89 21.08 17.32
C TRP B 48 25.60 22.47 16.79
N LYS B 49 25.97 22.68 15.54
CA LYS B 49 25.42 23.81 14.80
C LYS B 49 23.94 23.52 14.55
N CYS B 50 23.19 24.58 14.25
CA CYS B 50 21.73 24.49 14.29
C CYS B 50 21.23 23.36 13.38
N ILE B 51 20.35 22.53 13.93
CA ILE B 51 19.65 21.48 13.20
C ILE B 51 18.22 21.94 13.05
N SER B 52 17.92 22.53 11.89
CA SER B 52 16.68 23.29 11.73
C SER B 52 15.43 22.42 11.81
N LEU B 53 15.55 21.12 11.51
CA LEU B 53 14.34 20.31 11.49
C LEU B 53 13.85 20.02 12.89
N ASP B 54 14.77 19.76 13.82
CA ASP B 54 14.39 19.61 15.22
C ASP B 54 13.85 20.92 15.78
N MET B 55 14.37 22.06 15.32
CA MET B 55 13.86 23.35 15.79
C MET B 55 12.41 23.54 15.34
N LYS B 56 12.09 23.10 14.12
CA LYS B 56 10.72 23.26 13.62
C LYS B 56 9.76 22.37 14.39
N TYR B 57 10.16 21.12 14.65
CA TYR B 57 9.38 20.21 15.46
C TYR B 57 9.25 20.73 16.90
N PHE B 58 10.31 21.36 17.42
CA PHE B 58 10.27 21.87 18.78
C PHE B 58 9.21 22.96 18.91
N ARG B 59 9.28 23.98 18.06
CA ARG B 59 8.28 25.04 18.07
C ARG B 59 6.88 24.48 17.85
N ALA B 60 6.75 23.45 17.02
CA ALA B 60 5.42 22.90 16.77
C ALA B 60 4.85 22.23 18.02
N VAL B 61 5.63 21.35 18.65
CA VAL B 61 5.17 20.68 19.87
C VAL B 61 4.85 21.70 20.95
N THR B 62 5.77 22.63 21.21
CA THR B 62 5.64 23.51 22.38
C THR B 62 4.63 24.64 22.18
N THR B 63 4.08 24.83 20.98
CA THR B 63 3.08 25.87 20.80
C THR B 63 1.71 25.31 20.46
N TYR B 64 1.60 24.01 20.22
CA TYR B 64 0.35 23.46 19.74
C TYR B 64 -0.67 23.30 20.86
N VAL B 65 -1.90 23.71 20.59
CA VAL B 65 -2.96 23.78 21.58
C VAL B 65 -4.26 23.39 20.91
N ASN B 66 -5.04 22.53 21.56
CA ASN B 66 -6.36 22.12 21.07
C ASN B 66 -7.40 22.61 22.09
N GLU B 67 -7.94 23.81 21.82
CA GLU B 67 -8.84 24.46 22.77
C GLU B 67 -10.10 23.64 23.01
N SER B 68 -10.62 23.01 21.97
CA SER B 68 -11.78 22.13 22.14
C SER B 68 -11.52 21.03 23.17
N LYS B 69 -10.26 20.71 23.43
CA LYS B 69 -9.91 19.67 24.39
C LYS B 69 -9.60 20.22 25.77
N TYR B 70 -9.62 21.54 25.94
CA TYR B 70 -9.23 22.12 27.22
C TYR B 70 -10.31 22.00 28.29
N GLU B 71 -11.59 21.92 27.90
CA GLU B 71 -12.66 21.95 28.90
C GLU B 71 -12.55 20.78 29.85
N LYS B 72 -12.15 19.60 29.36
CA LYS B 72 -12.00 18.44 30.24
C LYS B 72 -10.72 18.50 31.06
N LEU B 73 -9.67 19.15 30.55
CA LEU B 73 -8.43 19.30 31.32
C LEU B 73 -8.63 20.25 32.49
N LYS B 74 -9.24 21.41 32.22
CA LYS B 74 -9.65 22.32 33.28
C LYS B 74 -10.54 21.60 34.31
N TYR B 75 -11.51 20.83 33.83
CA TYR B 75 -12.38 20.09 34.74
C TYR B 75 -11.56 19.15 35.61
N LYS B 76 -10.65 18.40 35.00
CA LYS B 76 -9.83 17.45 35.72
C LYS B 76 -8.94 18.14 36.76
N ARG B 77 -8.31 19.26 36.39
CA ARG B 77 -7.41 19.93 37.33
C ARG B 77 -8.17 20.48 38.52
N CYS B 78 -9.35 21.08 38.28
CA CYS B 78 -10.14 21.67 39.36
C CYS B 78 -10.57 20.62 40.38
N LYS B 79 -11.07 19.47 39.91
CA LYS B 79 -11.50 18.44 40.86
C LYS B 79 -10.32 17.97 41.71
N TYR B 80 -9.14 17.79 41.10
CA TYR B 80 -7.95 17.41 41.86
C TYR B 80 -7.69 18.36 43.01
N LEU B 81 -7.89 19.66 42.78
CA LEU B 81 -7.62 20.70 43.77
C LEU B 81 -8.82 21.02 44.66
N ASN B 82 -9.91 20.27 44.54
CA ASN B 82 -11.16 20.53 45.25
C ASN B 82 -11.60 21.98 45.06
N LYS B 83 -11.56 22.42 43.81
CA LYS B 83 -12.07 23.72 43.39
C LYS B 83 -13.20 23.51 42.38
N GLU B 84 -13.83 24.62 41.98
CA GLU B 84 -14.82 24.63 40.94
C GLU B 84 -14.44 25.51 39.75
N THR B 85 -13.53 26.45 39.95
CA THR B 85 -12.95 27.27 38.90
C THR B 85 -11.43 27.30 39.10
N VAL B 86 -10.72 27.71 38.06
CA VAL B 86 -9.27 27.82 38.17
C VAL B 86 -8.88 29.00 39.07
N ASP B 87 -9.67 30.08 39.08
CA ASP B 87 -9.62 31.14 40.11
C ASP B 87 -9.33 30.64 41.52
N LYS B 97 -6.70 33.41 24.89
CA LYS B 97 -6.12 32.38 24.02
C LYS B 97 -5.28 31.39 24.84
N LEU B 98 -5.62 30.11 24.71
CA LEU B 98 -4.93 29.06 25.45
C LEU B 98 -3.52 28.86 24.89
N GLN B 99 -2.51 29.05 25.73
CA GLN B 99 -1.12 28.74 25.39
C GLN B 99 -0.66 27.52 26.19
N ASN B 100 0.53 27.04 25.87
CA ASN B 100 1.19 26.06 26.72
C ASN B 100 2.08 26.76 27.72
N VAL B 101 2.55 26.00 28.70
CA VAL B 101 3.56 26.46 29.65
C VAL B 101 4.88 25.81 29.26
N VAL B 102 5.98 26.56 29.39
CA VAL B 102 7.32 26.02 29.14
C VAL B 102 8.20 26.33 30.35
N VAL B 103 8.89 25.31 30.86
CA VAL B 103 9.75 25.42 32.03
C VAL B 103 11.21 25.31 31.57
N MET B 104 11.99 26.36 31.82
CA MET B 104 13.42 26.36 31.53
C MET B 104 14.22 26.61 32.80
N GLY B 105 15.30 25.85 32.96
CA GLY B 105 16.30 26.20 33.96
C GLY B 105 16.96 27.53 33.63
N ARG B 106 17.65 28.07 34.64
CA ARG B 106 18.25 29.40 34.48
C ARG B 106 19.42 29.36 33.51
N THR B 107 20.30 28.37 33.65
CA THR B 107 21.35 28.16 32.67
C THR B 107 20.76 28.05 31.27
N ASN B 108 19.74 27.19 31.13
CA ASN B 108 19.06 27.03 29.85
C ASN B 108 18.45 28.34 29.38
N TRP B 109 17.78 29.05 30.29
CA TRP B 109 17.10 30.29 29.91
C TRP B 109 18.08 31.37 29.42
N GLU B 110 19.25 31.48 30.07
CA GLU B 110 20.15 32.58 29.73
C GLU B 110 20.93 32.32 28.45
N SER B 111 21.13 31.04 28.09
CA SER B 111 21.83 30.66 26.87
C SER B 111 20.94 30.69 25.63
N ILE B 112 19.74 31.25 25.72
CA ILE B 112 18.86 31.34 24.56
C ILE B 112 19.08 32.71 23.91
N PRO B 113 19.27 32.77 22.59
CA PRO B 113 19.49 34.07 21.94
C PRO B 113 18.43 35.08 22.33
N LYS B 114 18.88 36.33 22.50
CA LYS B 114 18.03 37.39 23.03
C LYS B 114 16.77 37.57 22.18
N LYS B 115 16.92 37.54 20.85
CA LYS B 115 15.79 37.87 19.98
C LYS B 115 14.69 36.81 19.99
N PHE B 116 14.83 35.73 20.76
CA PHE B 116 13.81 34.71 20.87
C PHE B 116 13.07 34.75 22.20
N LYS B 117 13.67 35.32 23.26
CA LYS B 117 13.03 35.42 24.56
C LYS B 117 12.13 36.65 24.60
N PRO B 118 10.92 36.54 25.18
CA PRO B 118 10.29 35.33 25.71
C PRO B 118 9.82 34.44 24.57
N LEU B 119 9.83 33.12 24.74
CA LEU B 119 9.40 32.23 23.68
C LEU B 119 7.98 32.55 23.24
N SER B 120 7.80 32.71 21.93
CA SER B 120 6.55 33.22 21.40
C SER B 120 5.38 32.29 21.67
N ASN B 121 4.24 32.88 22.06
CA ASN B 121 2.98 32.16 22.26
C ASN B 121 3.11 31.07 23.32
N ARG B 122 4.00 31.26 24.29
CA ARG B 122 4.18 30.31 25.37
C ARG B 122 4.28 31.05 26.70
N ILE B 123 3.81 30.41 27.76
CA ILE B 123 3.89 30.97 29.12
C ILE B 123 5.22 30.54 29.71
N ASN B 124 6.14 31.50 29.82
CA ASN B 124 7.51 31.20 30.20
C ASN B 124 7.65 31.13 31.71
N VAL B 125 8.29 30.05 32.20
CA VAL B 125 8.47 29.77 33.62
C VAL B 125 9.92 29.35 33.84
N ILE B 126 10.59 29.94 34.83
CA ILE B 126 12.03 29.77 35.03
C ILE B 126 12.30 29.32 36.46
N LEU B 127 12.81 28.11 36.62
CA LEU B 127 13.40 27.70 37.90
C LEU B 127 14.73 28.40 38.12
N SER B 128 14.86 29.09 39.25
CA SER B 128 16.06 29.87 39.55
C SER B 128 16.07 30.18 41.04
N ARG B 129 17.13 29.77 41.72
CA ARG B 129 17.33 30.13 43.12
C ARG B 129 18.02 31.48 43.28
N THR B 130 18.37 32.18 42.20
CA THR B 130 19.09 33.44 42.31
C THR B 130 18.48 34.59 41.51
N LEU B 131 17.49 34.33 40.65
CA LEU B 131 16.90 35.39 39.84
C LEU B 131 15.75 36.04 40.60
N LYS B 132 15.68 37.36 40.50
CA LYS B 132 14.61 38.14 41.10
C LYS B 132 13.43 38.20 40.15
N LYS B 133 12.21 38.05 40.70
CA LYS B 133 11.00 38.19 39.88
C LYS B 133 10.95 39.52 39.15
N GLU B 134 11.81 40.47 39.55
CA GLU B 134 11.69 41.85 39.07
C GLU B 134 12.20 41.99 37.63
N ASP B 135 13.38 41.43 37.33
CA ASP B 135 14.05 41.75 36.07
C ASP B 135 13.28 41.27 34.83
N PHE B 136 12.09 40.69 35.03
CA PHE B 136 11.27 40.21 33.92
C PHE B 136 9.82 40.59 34.13
N ASP B 137 9.09 40.69 33.02
CA ASP B 137 7.72 41.19 33.01
C ASP B 137 6.81 40.27 33.83
N GLU B 138 5.58 40.75 34.05
CA GLU B 138 4.60 39.98 34.82
C GLU B 138 4.22 38.68 34.10
N ASP B 139 4.24 38.69 32.75
CA ASP B 139 3.91 37.51 31.98
C ASP B 139 4.96 36.41 32.12
N VAL B 140 6.20 36.77 32.47
CA VAL B 140 7.27 35.81 32.71
C VAL B 140 7.33 35.49 34.19
N TYR B 141 7.24 34.21 34.52
CA TYR B 141 7.19 33.74 35.89
C TYR B 141 8.56 33.23 36.30
N ILE B 142 8.85 33.34 37.61
CA ILE B 142 10.08 32.84 38.18
C ILE B 142 9.71 32.10 39.46
N ILE B 143 9.98 30.80 39.50
CA ILE B 143 9.78 30.00 40.69
C ILE B 143 11.17 29.66 41.24
N ASN B 144 11.21 29.08 42.44
CA ASN B 144 12.48 28.71 43.03
C ASN B 144 12.51 27.31 43.63
N LYS B 145 11.43 26.55 43.51
CA LYS B 145 11.45 25.13 43.82
C LYS B 145 10.39 24.46 42.96
N VAL B 146 10.47 23.13 42.88
CA VAL B 146 9.66 22.40 41.90
C VAL B 146 8.17 22.46 42.26
N GLU B 147 7.85 22.36 43.56
CA GLU B 147 6.45 22.35 43.95
C GLU B 147 5.77 23.69 43.72
N ASP B 148 6.54 24.77 43.57
CA ASP B 148 5.95 26.04 43.20
C ASP B 148 5.37 26.02 41.78
N LEU B 149 5.89 25.15 40.92
CA LEU B 149 5.29 25.00 39.59
C LEU B 149 3.92 24.36 39.68
N ILE B 150 3.81 23.30 40.49
CA ILE B 150 2.51 22.66 40.71
C ILE B 150 1.51 23.67 41.25
N VAL B 151 1.97 24.56 42.15
CA VAL B 151 1.12 25.65 42.64
C VAL B 151 0.77 26.60 41.50
N LEU B 152 1.76 26.96 40.68
CA LEU B 152 1.50 27.86 39.57
C LEU B 152 0.56 27.24 38.54
N LEU B 153 0.70 25.94 38.28
CA LEU B 153 -0.18 25.30 37.31
C LEU B 153 -1.61 25.23 37.83
N GLY B 154 -1.78 25.17 39.15
CA GLY B 154 -3.11 25.18 39.71
C GLY B 154 -3.86 26.46 39.44
N LYS B 155 -3.14 27.56 39.17
CA LYS B 155 -3.73 28.88 39.04
C LYS B 155 -3.72 29.41 37.60
N LEU B 156 -3.31 28.62 36.61
CA LEU B 156 -3.25 29.10 35.24
C LEU B 156 -4.23 28.34 34.37
N ASN B 157 -4.66 29.00 33.30
CA ASN B 157 -5.22 28.32 32.14
C ASN B 157 -4.08 28.03 31.16
N TYR B 158 -3.90 26.75 30.83
CA TYR B 158 -2.88 26.35 29.89
C TYR B 158 -3.25 25.00 29.32
N TYR B 159 -2.77 24.72 28.11
CA TYR B 159 -3.05 23.42 27.48
C TYR B 159 -2.17 22.32 28.09
N LYS B 160 -0.85 22.40 27.89
CA LYS B 160 0.09 21.44 28.46
C LYS B 160 1.32 22.15 28.99
N CYS B 161 2.12 21.41 29.77
CA CYS B 161 3.32 21.95 30.41
C CYS B 161 4.55 21.19 29.94
N PHE B 162 5.46 21.89 29.26
CA PHE B 162 6.65 21.28 28.66
C PHE B 162 7.91 21.69 29.43
N ILE B 163 8.72 20.70 29.81
CA ILE B 163 9.98 20.93 30.49
C ILE B 163 11.11 20.96 29.45
N LEU B 164 11.73 22.11 29.28
CA LEU B 164 12.63 22.34 28.16
C LEU B 164 14.09 22.06 28.48
N GLY B 165 14.40 21.63 29.71
CA GLY B 165 15.77 21.49 30.14
C GLY B 165 16.20 22.63 31.05
N GLY B 166 17.49 22.66 31.36
CA GLY B 166 18.52 21.74 30.91
C GLY B 166 18.65 20.47 31.73
N SER B 167 19.88 20.00 31.86
CA SER B 167 20.15 18.69 32.45
C SER B 167 19.68 18.64 33.89
N VAL B 168 19.97 19.67 34.67
CA VAL B 168 19.50 19.74 36.05
C VAL B 168 17.98 19.61 36.11
N VAL B 169 17.28 20.38 35.28
CA VAL B 169 15.82 20.40 35.30
C VAL B 169 15.25 19.05 34.90
N TYR B 170 15.84 18.40 33.88
CA TYR B 170 15.43 17.06 33.51
C TYR B 170 15.61 16.10 34.68
N GLN B 171 16.80 16.11 35.29
CA GLN B 171 17.14 15.12 36.30
C GLN B 171 16.18 15.18 37.49
N GLU B 172 15.92 16.38 38.01
CA GLU B 172 15.07 16.50 39.18
C GLU B 172 13.61 16.22 38.84
N PHE B 173 13.14 16.71 37.70
CA PHE B 173 11.77 16.41 37.29
C PHE B 173 11.58 14.92 37.04
N LEU B 174 12.64 14.23 36.62
CA LEU B 174 12.49 12.81 36.31
C LEU B 174 12.55 11.94 37.54
N GLU B 175 13.48 12.21 38.46
CA GLU B 175 13.53 11.40 39.67
C GLU B 175 12.34 11.66 40.60
N LYS B 176 11.55 12.70 40.35
CA LYS B 176 10.33 12.96 41.10
C LYS B 176 9.08 12.45 40.38
N LYS B 177 9.24 11.56 39.39
CA LYS B 177 8.11 10.94 38.67
C LYS B 177 7.07 11.97 38.23
N LEU B 178 7.54 13.15 37.82
CA LEU B 178 6.68 14.26 37.41
C LEU B 178 6.59 14.42 35.90
N ILE B 179 6.91 13.38 35.13
CA ILE B 179 6.97 13.48 33.68
C ILE B 179 6.03 12.43 33.11
N LYS B 180 5.05 12.88 32.32
CA LYS B 180 4.09 11.97 31.73
C LYS B 180 4.65 11.32 30.45
N LYS B 181 5.24 12.12 29.57
CA LYS B 181 5.89 11.59 28.38
C LYS B 181 7.16 12.37 28.11
N ILE B 182 8.04 11.75 27.31
CA ILE B 182 9.28 12.36 26.84
C ILE B 182 9.26 12.40 25.33
N TYR B 183 9.34 13.61 24.77
CA TYR B 183 9.49 13.82 23.34
C TYR B 183 10.97 14.00 23.07
N PHE B 184 11.60 12.94 22.57
CA PHE B 184 13.04 12.76 22.52
C PHE B 184 13.49 12.74 21.06
N THR B 185 14.22 13.78 20.65
CA THR B 185 14.82 13.82 19.31
C THR B 185 16.17 13.10 19.36
N ARG B 186 16.36 12.14 18.45
CA ARG B 186 17.62 11.40 18.34
C ARG B 186 18.46 12.01 17.22
N ILE B 187 19.54 12.68 17.60
CA ILE B 187 20.44 13.32 16.65
C ILE B 187 21.51 12.29 16.32
N ASN B 188 21.52 11.81 15.07
CA ASN B 188 22.42 10.70 14.75
C ASN B 188 23.76 11.20 14.22
N SER B 189 24.46 11.94 15.09
CA SER B 189 25.86 12.26 14.89
C SER B 189 26.52 12.50 16.24
N THR B 190 27.84 12.61 16.23
CA THR B 190 28.63 12.68 17.45
C THR B 190 29.20 14.08 17.65
N TYR B 191 29.16 14.55 18.90
CA TYR B 191 29.71 15.86 19.23
C TYR B 191 30.32 15.81 20.62
N GLU B 192 31.19 16.77 20.89
CA GLU B 192 31.75 16.93 22.22
C GLU B 192 30.70 17.58 23.12
N CYS B 193 30.45 16.96 24.27
CA CYS B 193 29.42 17.42 25.21
C CYS B 193 29.96 17.44 26.63
N ASP B 194 29.41 18.34 27.46
CA ASP B 194 29.71 18.36 28.88
C ASP B 194 28.47 18.28 29.76
N VAL B 195 27.26 18.19 29.18
CA VAL B 195 26.04 17.91 29.94
C VAL B 195 25.21 16.89 29.18
N PHE B 196 24.48 16.07 29.93
CA PHE B 196 23.87 14.87 29.40
C PHE B 196 22.47 14.68 29.97
N PHE B 197 21.60 14.08 29.16
CA PHE B 197 20.30 13.67 29.65
C PHE B 197 20.48 12.51 30.64
N PRO B 198 19.58 12.39 31.61
CA PRO B 198 19.64 11.23 32.51
C PRO B 198 19.25 9.95 31.80
N GLU B 199 19.83 8.84 32.24
CA GLU B 199 19.50 7.56 31.65
C GLU B 199 18.05 7.21 31.97
N ILE B 200 17.23 7.11 30.93
CA ILE B 200 15.81 6.79 31.10
C ILE B 200 15.68 5.33 31.50
N ASN B 201 15.14 5.09 32.69
CA ASN B 201 14.93 3.72 33.15
C ASN B 201 13.79 3.07 32.38
N GLU B 202 14.09 2.00 31.65
CA GLU B 202 13.08 1.36 30.81
C GLU B 202 12.02 0.64 31.62
N ASN B 203 12.25 0.41 32.91
CA ASN B 203 11.17 -0.05 33.78
C ASN B 203 10.21 1.08 34.13
N GLU B 204 10.67 2.34 34.04
CA GLU B 204 9.85 3.52 34.33
C GLU B 204 9.13 4.03 33.08
N TYR B 205 9.85 4.18 31.98
CA TYR B 205 9.32 4.69 30.72
C TYR B 205 9.52 3.64 29.64
N GLN B 206 8.72 3.75 28.58
CA GLN B 206 8.92 2.90 27.42
C GLN B 206 8.52 3.67 26.17
N ILE B 207 9.21 3.36 25.08
CA ILE B 207 8.92 4.00 23.80
C ILE B 207 7.59 3.50 23.27
N ILE B 208 6.75 4.42 22.81
CA ILE B 208 5.46 4.07 22.23
C ILE B 208 5.32 4.49 20.77
N SER B 209 6.07 5.48 20.29
CA SER B 209 5.93 5.91 18.90
C SER B 209 7.28 6.37 18.38
N VAL B 210 7.53 6.07 17.10
CA VAL B 210 8.80 6.34 16.43
C VAL B 210 8.50 6.95 15.06
N SER B 211 9.16 8.06 14.74
CA SER B 211 8.82 8.79 13.54
C SER B 211 9.56 8.26 12.32
N ASP B 212 9.32 8.91 11.17
CA ASP B 212 10.11 8.78 9.97
C ASP B 212 11.56 9.25 10.23
N VAL B 213 12.50 8.81 9.38
CA VAL B 213 13.89 9.27 9.49
C VAL B 213 14.10 10.43 8.53
N TYR B 214 14.93 11.38 8.93
CA TYR B 214 15.10 12.64 8.20
C TYR B 214 16.57 13.01 8.08
N THR B 215 16.86 13.90 7.13
CA THR B 215 18.17 14.52 7.01
C THR B 215 18.05 16.03 7.18
N SER B 216 18.80 16.61 8.12
CA SER B 216 18.85 18.05 8.30
C SER B 216 20.26 18.45 8.69
N ASN B 217 20.82 19.44 7.98
CA ASN B 217 22.14 19.98 8.28
C ASN B 217 23.19 18.88 8.44
N ASN B 218 23.23 17.97 7.47
CA ASN B 218 24.27 16.95 7.36
C ASN B 218 24.23 15.91 8.48
N THR B 219 23.04 15.64 9.04
CA THR B 219 22.89 14.58 10.03
C THR B 219 21.50 13.97 9.83
N THR B 220 21.39 12.66 10.01
CA THR B 220 20.05 12.10 10.14
C THR B 220 19.57 12.27 11.58
N LEU B 221 18.24 12.22 11.73
CA LEU B 221 17.61 12.34 13.03
C LEU B 221 16.23 11.72 12.95
N ASP B 222 15.73 11.24 14.09
CA ASP B 222 14.32 10.89 14.17
C ASP B 222 13.77 11.32 15.53
N PHE B 223 12.45 11.16 15.68
CA PHE B 223 11.70 11.68 16.82
C PHE B 223 10.95 10.53 17.48
N ILE B 224 11.28 10.24 18.74
CA ILE B 224 10.63 9.17 19.47
C ILE B 224 9.90 9.75 20.68
N ILE B 225 8.87 9.02 21.12
CA ILE B 225 8.03 9.43 22.23
C ILE B 225 8.10 8.38 23.32
N TYR B 226 8.60 8.77 24.49
CA TYR B 226 8.59 7.89 25.65
C TYR B 226 7.30 8.08 26.43
N LYS B 227 6.82 7.01 27.07
CA LYS B 227 5.63 7.09 27.89
C LYS B 227 5.86 6.46 29.26
N LYS B 228 5.41 7.15 30.30
CA LYS B 228 5.34 6.55 31.63
C LYS B 228 4.50 5.28 31.58
N THR B 229 4.96 4.25 32.29
CA THR B 229 4.31 2.96 32.19
C THR B 229 3.29 2.75 33.31
N ASP B 283 -18.83 12.09 13.34
CA ASP B 283 -19.85 11.35 12.60
C ASP B 283 -19.65 9.84 12.70
N ASP B 284 -20.32 9.23 13.67
CA ASP B 284 -20.37 7.77 13.79
C ASP B 284 -21.55 7.17 13.01
N GLU B 285 -22.26 7.99 12.22
CA GLU B 285 -23.08 7.44 11.15
C GLU B 285 -22.22 6.61 10.20
N GLU B 286 -20.94 6.98 10.07
CA GLU B 286 -20.01 6.24 9.24
C GLU B 286 -19.14 5.28 10.04
N GLU B 287 -19.18 5.32 11.37
CA GLU B 287 -18.52 4.27 12.14
C GLU B 287 -19.22 2.93 11.95
N ASP B 288 -20.56 2.92 12.00
CA ASP B 288 -21.26 1.66 11.85
C ASP B 288 -21.09 1.10 10.44
N ASP B 289 -21.19 1.96 9.41
CA ASP B 289 -20.98 1.50 8.04
C ASP B 289 -19.64 0.79 7.89
N PHE B 290 -18.61 1.24 8.60
CA PHE B 290 -17.35 0.52 8.58
C PHE B 290 -17.53 -0.93 9.03
N VAL B 291 -18.29 -1.15 10.09
CA VAL B 291 -18.51 -2.50 10.61
C VAL B 291 -19.18 -3.38 9.55
N TYR B 292 -20.22 -2.84 8.91
CA TYR B 292 -20.94 -3.63 7.91
C TYR B 292 -20.02 -4.08 6.79
N PHE B 293 -19.16 -3.18 6.28
CA PHE B 293 -18.28 -3.57 5.20
C PHE B 293 -17.22 -4.57 5.67
N ASN B 294 -17.02 -4.72 6.97
CA ASN B 294 -16.17 -5.79 7.50
C ASN B 294 -16.91 -7.09 7.74
N PHE B 295 -18.20 -7.17 7.40
CA PHE B 295 -19.04 -8.33 7.75
C PHE B 295 -18.45 -9.66 7.31
N ASN B 296 -17.55 -9.68 6.32
CA ASN B 296 -16.99 -10.92 5.83
C ASN B 296 -15.55 -11.16 6.27
N LYS B 297 -14.94 -10.19 6.98
CA LYS B 297 -13.54 -10.28 7.36
C LYS B 297 -13.39 -11.17 8.60
N GLU B 298 -13.71 -12.45 8.41
CA GLU B 298 -13.72 -13.39 9.53
C GLU B 298 -12.31 -13.88 9.90
N ASN B 303 -5.88 -14.20 12.10
CA ASN B 303 -4.67 -14.88 12.55
C ASN B 303 -4.81 -16.38 12.33
N LYS B 304 -3.85 -17.00 11.63
CA LYS B 304 -4.04 -18.37 11.18
C LYS B 304 -2.85 -19.30 11.39
N ASN B 305 -1.70 -18.81 11.84
CA ASN B 305 -0.44 -19.52 11.59
C ASN B 305 0.33 -19.92 12.87
N SER B 306 -0.36 -20.32 13.93
CA SER B 306 0.30 -20.85 15.14
C SER B 306 1.33 -19.89 15.70
N ILE B 307 1.26 -18.62 15.30
CA ILE B 307 2.08 -17.56 15.87
C ILE B 307 1.23 -16.87 16.92
N HIS B 308 1.83 -16.62 18.08
CA HIS B 308 1.13 -15.96 19.18
C HIS B 308 1.51 -14.49 19.17
N PRO B 309 0.64 -13.59 18.70
CA PRO B 309 1.02 -12.17 18.64
C PRO B 309 1.42 -11.55 19.99
N ASN B 310 1.16 -12.23 21.11
CA ASN B 310 1.75 -11.78 22.37
C ASN B 310 3.26 -11.94 22.39
N ASP B 311 3.82 -12.79 21.52
CA ASP B 311 5.25 -12.77 21.29
C ASP B 311 5.71 -11.49 20.63
N PHE B 312 4.79 -10.70 20.09
CA PHE B 312 5.18 -9.39 19.56
C PHE B 312 4.61 -8.30 20.44
N GLN B 313 4.84 -8.41 21.75
CA GLN B 313 4.29 -7.43 22.68
C GLN B 313 4.81 -6.03 22.37
N ILE B 314 6.13 -5.87 22.27
CA ILE B 314 6.69 -4.55 22.01
C ILE B 314 6.20 -4.03 20.67
N TYR B 315 6.23 -4.90 19.65
CA TYR B 315 5.86 -4.52 18.29
C TYR B 315 4.41 -4.04 18.23
N ASN B 316 3.49 -4.79 18.84
CA ASN B 316 2.10 -4.38 18.77
C ASN B 316 1.76 -3.33 19.82
N SER B 317 2.67 -3.05 20.76
CA SER B 317 2.43 -2.00 21.74
C SER B 317 2.75 -0.63 21.18
N LEU B 318 3.46 -0.55 20.07
CA LEU B 318 3.73 0.75 19.48
C LEU B 318 2.45 1.30 18.86
N LYS B 319 2.33 2.62 18.89
CA LYS B 319 1.17 3.28 18.32
C LYS B 319 1.46 3.80 16.92
N TYR B 320 2.48 4.62 16.77
CA TYR B 320 2.89 5.14 15.48
C TYR B 320 4.25 4.56 15.12
N LYS B 321 4.29 3.81 14.01
CA LYS B 321 5.48 3.10 13.57
C LYS B 321 5.87 3.63 12.19
N TYR B 322 6.42 4.84 12.17
CA TYR B 322 6.68 5.56 10.93
C TYR B 322 8.11 5.40 10.42
N HIS B 323 8.98 4.77 11.19
CA HIS B 323 10.35 4.53 10.74
C HIS B 323 10.36 3.66 9.48
N PRO B 324 11.13 4.01 8.45
CA PRO B 324 11.06 3.23 7.20
C PRO B 324 11.50 1.79 7.36
N GLU B 325 12.26 1.45 8.40
CA GLU B 325 12.53 0.04 8.67
C GLU B 325 11.24 -0.75 8.94
N TYR B 326 10.15 -0.07 9.34
CA TYR B 326 8.92 -0.83 9.55
C TYR B 326 8.34 -1.33 8.25
N GLN B 327 8.75 -0.77 7.12
CA GLN B 327 8.35 -1.37 5.87
C GLN B 327 8.82 -2.82 5.78
N TYR B 328 10.07 -3.07 6.16
CA TYR B 328 10.59 -4.43 6.18
C TYR B 328 9.92 -5.25 7.29
N LEU B 329 9.87 -4.72 8.51
CA LEU B 329 9.35 -5.45 9.65
C LEU B 329 7.87 -5.79 9.49
N ASN B 330 7.10 -4.85 8.93
CA ASN B 330 5.68 -5.13 8.71
C ASN B 330 5.48 -6.25 7.73
N ILE B 331 6.41 -6.45 6.80
CA ILE B 331 6.23 -7.54 5.85
C ILE B 331 6.54 -8.89 6.50
N ILE B 332 7.57 -8.96 7.35
CA ILE B 332 7.80 -10.19 8.12
C ILE B 332 6.57 -10.51 8.96
N TYR B 333 6.04 -9.50 9.65
CA TYR B 333 4.84 -9.71 10.45
C TYR B 333 3.69 -10.21 9.60
N ASP B 334 3.53 -9.64 8.40
CA ASP B 334 2.41 -10.08 7.56
C ASP B 334 2.58 -11.53 7.12
N ILE B 335 3.79 -11.92 6.73
CA ILE B 335 4.01 -13.29 6.30
C ILE B 335 3.85 -14.25 7.47
N MET B 336 4.29 -13.84 8.66
CA MET B 336 4.10 -14.72 9.81
C MET B 336 2.61 -14.89 10.10
N MET B 337 1.89 -13.77 10.20
CA MET B 337 0.47 -13.83 10.55
C MET B 337 -0.35 -14.52 9.46
N ASN B 338 -0.04 -14.29 8.19
CA ASN B 338 -0.93 -14.66 7.12
C ASN B 338 -0.29 -15.50 6.02
N GLY B 339 1.01 -15.80 6.12
CA GLY B 339 1.68 -16.53 5.07
C GLY B 339 1.10 -17.91 4.85
N ASN B 340 1.35 -18.44 3.65
CA ASN B 340 0.94 -19.77 3.29
C ASN B 340 2.04 -20.76 3.62
N LYS B 341 1.69 -21.81 4.36
CA LYS B 341 2.65 -22.88 4.58
C LYS B 341 2.93 -23.59 3.26
N GLN B 342 4.19 -23.59 2.85
CA GLN B 342 4.67 -24.35 1.71
C GLN B 342 6.01 -24.97 2.07
N SER B 343 6.36 -26.02 1.35
CA SER B 343 7.68 -26.63 1.44
C SER B 343 8.59 -26.04 0.36
N ASP B 344 9.87 -26.38 0.43
CA ASP B 344 10.81 -25.97 -0.60
C ASP B 344 11.81 -27.10 -0.80
N ARG B 345 12.81 -26.85 -1.65
CA ARG B 345 13.72 -27.91 -2.06
C ARG B 345 14.49 -28.48 -0.87
N THR B 346 15.01 -27.61 -0.01
CA THR B 346 15.73 -28.10 1.18
C THR B 346 14.80 -28.70 2.25
N GLY B 347 13.51 -28.91 1.97
CA GLY B 347 12.62 -29.54 2.93
C GLY B 347 12.36 -28.66 4.13
N VAL B 348 13.02 -27.51 4.20
CA VAL B 348 12.96 -26.66 5.38
C VAL B 348 11.54 -26.16 5.61
N GLY B 349 10.84 -25.79 4.54
CA GLY B 349 9.52 -25.21 4.68
C GLY B 349 9.54 -23.71 4.88
N VAL B 350 8.58 -23.01 4.26
CA VAL B 350 8.51 -21.56 4.30
C VAL B 350 7.09 -21.13 4.63
N LEU B 351 6.96 -19.87 5.02
CA LEU B 351 5.72 -19.12 4.92
C LEU B 351 5.89 -18.13 3.79
N SER B 352 4.98 -18.12 2.84
CA SER B 352 5.15 -17.29 1.65
C SER B 352 3.89 -16.46 1.38
N LYS B 353 4.09 -15.27 0.84
CA LYS B 353 3.04 -14.45 0.20
C LYS B 353 3.58 -13.95 -1.13
N PHE B 354 2.73 -13.29 -1.93
CA PHE B 354 3.05 -12.93 -3.32
C PHE B 354 2.76 -11.45 -3.55
N GLY B 355 3.79 -10.65 -3.82
CA GLY B 355 3.56 -9.26 -4.19
C GLY B 355 3.62 -8.20 -3.10
N TYR B 356 4.78 -7.56 -2.93
CA TYR B 356 4.93 -6.43 -2.02
C TYR B 356 5.74 -5.34 -2.70
N ILE B 357 5.57 -4.11 -2.22
CA ILE B 357 6.45 -2.99 -2.59
C ILE B 357 6.94 -2.32 -1.30
N MET B 358 8.25 -2.00 -1.26
CA MET B 358 8.86 -1.11 -0.30
C MET B 358 9.52 0.06 -1.03
N LYS B 359 9.52 1.23 -0.40
CA LYS B 359 10.13 2.42 -0.96
C LYS B 359 10.99 3.07 0.11
N PHE B 360 12.22 3.37 -0.23
CA PHE B 360 13.17 4.00 0.67
C PHE B 360 13.65 5.29 0.05
N ASP B 361 13.76 6.32 0.88
CA ASP B 361 14.08 7.66 0.40
C ASP B 361 15.57 7.88 0.60
N LEU B 362 16.35 7.65 -0.45
CA LEU B 362 17.79 7.79 -0.31
C LEU B 362 18.20 9.25 -0.08
N SER B 363 17.33 10.22 -0.38
CA SER B 363 17.69 11.61 -0.11
C SER B 363 17.73 11.90 1.38
N GLN B 364 17.11 11.05 2.19
CA GLN B 364 17.00 11.30 3.61
C GLN B 364 17.73 10.29 4.48
N TYR B 365 18.09 9.12 3.96
CA TYR B 365 18.81 8.14 4.78
C TYR B 365 19.32 7.01 3.90
N PHE B 366 20.21 6.21 4.49
CA PHE B 366 20.61 4.95 3.88
C PHE B 366 19.98 3.81 4.63
N PRO B 367 19.09 3.03 3.99
CA PRO B 367 18.25 2.05 4.69
C PRO B 367 19.02 0.78 5.05
N LEU B 368 20.06 0.92 5.86
CA LEU B 368 20.73 -0.23 6.41
C LEU B 368 20.00 -0.61 7.68
N LEU B 369 19.43 -1.82 7.71
CA LEU B 369 18.62 -2.24 8.85
C LEU B 369 19.37 -2.02 10.14
N THR B 370 18.66 -1.52 11.16
CA THR B 370 19.25 -1.29 12.48
C THR B 370 18.79 -2.28 13.53
N THR B 371 17.76 -3.08 13.26
CA THR B 371 17.29 -4.02 14.27
C THR B 371 18.15 -5.28 14.35
N LYS B 372 19.29 -5.28 13.66
CA LYS B 372 20.33 -6.29 13.81
C LYS B 372 21.52 -5.74 13.05
N LYS B 373 22.67 -6.37 13.24
CA LYS B 373 23.90 -5.89 12.62
C LYS B 373 24.03 -6.44 11.20
N LEU B 374 24.46 -5.59 10.27
CA LEU B 374 24.68 -5.98 8.89
C LEU B 374 26.07 -5.52 8.48
N PHE B 375 26.79 -6.39 7.79
CA PHE B 375 28.10 -6.09 7.21
C PHE B 375 27.95 -5.87 5.71
N LEU B 376 28.78 -4.96 5.17
CA LEU B 376 28.62 -4.52 3.79
C LEU B 376 29.82 -4.74 2.85
N ARG B 377 31.01 -5.13 3.35
CA ARG B 377 32.16 -5.27 2.46
C ARG B 377 31.88 -6.28 1.35
N GLY B 378 31.43 -7.50 1.71
CA GLY B 378 31.15 -8.51 0.69
C GLY B 378 30.11 -8.03 -0.29
N ILE B 379 29.08 -7.35 0.22
CA ILE B 379 28.02 -6.76 -0.60
C ILE B 379 28.62 -5.79 -1.62
N ILE B 380 29.62 -5.03 -1.23
CA ILE B 380 30.15 -4.04 -2.17
C ILE B 380 31.06 -4.71 -3.19
N GLU B 381 31.93 -5.61 -2.73
CA GLU B 381 32.77 -6.36 -3.66
C GLU B 381 31.93 -7.10 -4.70
N GLU B 382 30.81 -7.71 -4.29
CA GLU B 382 29.98 -8.42 -5.26
C GLU B 382 29.46 -7.47 -6.33
N LEU B 383 29.02 -6.29 -5.91
CA LEU B 383 28.62 -5.26 -6.86
C LEU B 383 29.76 -4.88 -7.79
N LEU B 384 30.95 -4.63 -7.26
CA LEU B 384 32.08 -4.24 -8.11
C LEU B 384 32.43 -5.36 -9.09
N TRP B 385 32.43 -6.60 -8.62
CA TRP B 385 32.58 -7.79 -9.46
C TRP B 385 31.53 -7.82 -10.57
N PHE B 386 30.25 -7.56 -10.24
CA PHE B 386 29.21 -7.42 -11.27
C PHE B 386 29.60 -6.40 -12.34
N ILE B 387 29.97 -5.19 -11.92
CA ILE B 387 30.27 -4.12 -12.87
C ILE B 387 31.46 -4.46 -13.75
N ARG B 388 32.43 -5.20 -13.22
CA ARG B 388 33.52 -5.65 -14.09
C ARG B 388 33.08 -6.71 -15.10
N GLY B 389 31.87 -7.25 -14.97
CA GLY B 389 31.41 -8.23 -15.92
C GLY B 389 31.88 -9.62 -15.60
N GLU B 390 32.44 -9.81 -14.41
CA GLU B 390 33.08 -11.06 -14.04
C GLU B 390 32.08 -12.16 -13.75
N THR B 391 32.50 -13.39 -14.04
CA THR B 391 31.74 -14.59 -13.70
C THR B 391 32.60 -15.58 -12.95
N ASN B 392 33.84 -15.23 -12.63
CA ASN B 392 34.78 -16.13 -11.98
C ASN B 392 34.58 -16.01 -10.48
N GLY B 393 34.10 -17.09 -9.86
CA GLY B 393 33.86 -17.06 -8.43
C GLY B 393 35.13 -17.04 -7.58
N ASN B 394 36.25 -17.48 -8.13
CA ASN B 394 37.50 -17.46 -7.38
C ASN B 394 37.91 -16.04 -7.01
N THR B 395 37.63 -15.06 -7.87
CA THR B 395 37.90 -13.66 -7.58
C THR B 395 37.29 -13.25 -6.24
N LEU B 396 36.03 -13.60 -6.03
CA LEU B 396 35.38 -13.26 -4.76
C LEU B 396 35.98 -14.05 -3.61
N LEU B 397 36.21 -15.35 -3.83
CA LEU B 397 36.70 -16.23 -2.77
C LEU B 397 38.09 -15.82 -2.28
N ASN B 398 38.97 -15.35 -3.18
CA ASN B 398 40.30 -14.90 -2.76
C ASN B 398 40.22 -13.62 -1.92
N LYS B 399 39.13 -12.87 -2.02
CA LYS B 399 38.86 -11.73 -1.17
C LYS B 399 38.06 -12.11 0.05
N ASN B 400 37.81 -13.40 0.25
CA ASN B 400 37.00 -13.92 1.34
C ASN B 400 35.56 -13.40 1.30
N VAL B 401 35.04 -13.21 0.09
CA VAL B 401 33.62 -12.93 -0.12
C VAL B 401 33.00 -14.23 -0.61
N ARG B 402 32.21 -14.85 0.25
CA ARG B 402 31.77 -16.23 0.03
C ARG B 402 30.28 -16.32 -0.28
N ILE B 403 29.69 -15.25 -0.81
CA ILE B 403 28.28 -15.25 -1.19
C ILE B 403 27.97 -16.39 -2.16
N TRP B 404 28.86 -16.63 -3.11
CA TRP B 404 28.58 -17.57 -4.21
C TRP B 404 29.26 -18.92 -4.04
N GLU B 405 29.91 -19.16 -2.91
CA GLU B 405 30.75 -20.35 -2.81
C GLU B 405 29.94 -21.63 -3.03
N ALA B 406 28.84 -21.76 -2.30
CA ALA B 406 28.03 -22.98 -2.38
C ALA B 406 27.49 -23.22 -3.78
N ASN B 407 27.32 -22.17 -4.57
CA ASN B 407 26.85 -22.35 -5.93
C ASN B 407 27.95 -22.72 -6.90
N GLY B 408 29.18 -22.86 -6.46
CA GLY B 408 30.24 -23.12 -7.42
C GLY B 408 30.93 -24.44 -7.19
N THR B 409 30.45 -25.22 -6.21
CA THR B 409 31.08 -26.48 -5.88
C THR B 409 30.86 -27.50 -7.01
N ARG B 410 31.75 -28.49 -7.06
CA ARG B 410 31.57 -29.58 -8.00
C ARG B 410 30.18 -30.21 -7.85
N GLU B 411 29.75 -30.41 -6.61
CA GLU B 411 28.47 -31.08 -6.34
C GLU B 411 27.30 -30.22 -6.80
N PHE B 412 27.33 -28.92 -6.48
CA PHE B 412 26.23 -28.05 -6.88
C PHE B 412 26.13 -27.93 -8.40
N LEU B 413 27.27 -27.83 -9.09
CA LEU B 413 27.20 -27.73 -10.54
C LEU B 413 26.73 -29.05 -11.17
N ASP B 414 27.23 -30.18 -10.67
CA ASP B 414 26.79 -31.48 -11.16
C ASP B 414 25.28 -31.65 -10.98
N ASN B 415 24.74 -31.25 -9.83
CA ASN B 415 23.28 -31.31 -9.64
C ASN B 415 22.54 -30.44 -10.65
N ARG B 416 23.14 -29.34 -11.08
CA ARG B 416 22.62 -28.47 -12.14
C ARG B 416 22.86 -29.05 -13.53
N LYS B 417 23.39 -30.27 -13.61
CA LYS B 417 23.78 -30.93 -14.84
C LYS B 417 24.89 -30.16 -15.56
N LEU B 418 25.65 -29.35 -14.85
CA LEU B 418 26.74 -28.61 -15.50
C LEU B 418 28.04 -29.42 -15.40
N PHE B 419 28.02 -30.61 -16.01
CA PHE B 419 29.10 -31.57 -15.82
C PHE B 419 30.40 -31.04 -16.41
N HIS B 420 30.33 -30.14 -17.39
CA HIS B 420 31.52 -29.64 -18.06
C HIS B 420 31.86 -28.22 -17.64
N ARG B 421 31.59 -27.88 -16.39
CA ARG B 421 31.84 -26.54 -15.87
C ARG B 421 32.88 -26.63 -14.77
N GLU B 422 33.94 -25.82 -14.87
CA GLU B 422 34.95 -25.79 -13.82
C GLU B 422 34.33 -25.33 -12.50
N VAL B 423 34.86 -25.87 -11.39
CA VAL B 423 34.45 -25.43 -10.07
C VAL B 423 34.60 -23.91 -10.00
N ASN B 424 33.59 -23.25 -9.43
CA ASN B 424 33.53 -21.80 -9.25
C ASN B 424 33.42 -21.02 -10.57
N ASP B 425 33.25 -21.68 -11.69
CA ASP B 425 32.84 -20.98 -12.92
C ASP B 425 31.31 -20.95 -12.93
N LEU B 426 30.75 -19.80 -12.59
CA LEU B 426 29.31 -19.71 -12.36
C LEU B 426 28.52 -19.53 -13.66
N GLY B 427 29.19 -19.37 -14.78
CA GLY B 427 28.54 -19.25 -16.06
C GLY B 427 28.07 -17.83 -16.27
N PRO B 428 27.11 -17.61 -17.20
CA PRO B 428 26.71 -16.25 -17.63
C PRO B 428 25.68 -15.61 -16.71
N ILE B 429 26.13 -15.31 -15.49
CA ILE B 429 25.28 -14.72 -14.46
C ILE B 429 25.40 -13.19 -14.57
N TYR B 430 25.03 -12.49 -13.50
CA TYR B 430 24.75 -11.05 -13.55
C TYR B 430 25.75 -10.26 -14.39
N GLY B 431 27.01 -10.27 -13.96
CA GLY B 431 28.02 -9.47 -14.63
C GLY B 431 28.08 -9.73 -16.13
N PHE B 432 28.02 -10.99 -16.53
CA PHE B 432 28.07 -11.31 -17.96
C PHE B 432 26.87 -10.72 -18.70
N GLN B 433 25.70 -10.78 -18.09
CA GLN B 433 24.51 -10.25 -18.75
C GLN B 433 24.49 -8.72 -18.76
N TRP B 434 25.02 -8.07 -17.72
CA TRP B 434 25.04 -6.60 -17.69
C TRP B 434 25.96 -6.01 -18.76
N ARG B 435 27.07 -6.69 -19.06
CA ARG B 435 28.08 -6.20 -20.00
C ARG B 435 28.11 -6.94 -21.32
N HIS B 436 27.47 -8.14 -21.41
CA HIS B 436 27.64 -8.95 -22.63
C HIS B 436 26.37 -9.70 -23.05
N PHE B 437 25.19 -9.24 -22.67
CA PHE B 437 23.95 -9.93 -22.93
C PHE B 437 23.89 -10.39 -24.39
N GLY B 438 23.67 -11.70 -24.58
CA GLY B 438 23.58 -12.29 -25.89
C GLY B 438 24.86 -12.88 -26.42
N ALA B 439 26.01 -12.57 -25.81
CA ALA B 439 27.25 -13.19 -26.23
C ALA B 439 27.24 -14.68 -25.89
N GLU B 440 27.91 -15.45 -26.72
CA GLU B 440 28.10 -16.87 -26.45
C GLU B 440 29.09 -17.03 -25.30
N TYR B 441 28.65 -17.64 -24.20
CA TYR B 441 29.53 -17.92 -23.08
C TYR B 441 30.39 -19.15 -23.38
N THR B 442 31.69 -19.04 -23.09
CA THR B 442 32.63 -20.16 -23.21
C THR B 442 33.10 -20.57 -21.82
N ASN B 443 33.94 -19.76 -21.18
CA ASN B 443 34.38 -20.05 -19.83
C ASN B 443 34.70 -18.72 -19.16
N MET B 444 34.98 -18.77 -17.86
CA MET B 444 35.12 -17.56 -17.06
C MET B 444 36.41 -16.79 -17.36
N TYR B 445 37.36 -17.41 -18.06
CA TYR B 445 38.63 -16.76 -18.38
C TYR B 445 38.66 -16.14 -19.77
N ASP B 446 37.60 -16.26 -20.55
CA ASP B 446 37.68 -15.83 -21.94
C ASP B 446 37.64 -14.32 -22.05
N ASN B 447 38.07 -13.83 -23.20
CA ASN B 447 38.01 -12.41 -23.49
C ASN B 447 36.70 -12.15 -24.22
N TYR B 448 35.81 -11.38 -23.58
CA TYR B 448 34.51 -11.03 -24.12
C TYR B 448 34.41 -9.56 -24.49
N GLU B 449 35.55 -8.86 -24.63
CA GLU B 449 35.54 -7.44 -24.99
C GLU B 449 34.75 -7.22 -26.28
N ASN B 450 33.74 -6.36 -26.20
CA ASN B 450 32.92 -5.93 -27.33
C ASN B 450 32.03 -7.05 -27.86
N LYS B 451 31.79 -8.08 -27.07
CA LYS B 451 30.85 -9.14 -27.41
C LYS B 451 29.55 -8.92 -26.66
N GLY B 452 28.43 -8.98 -27.37
CA GLY B 452 27.11 -8.83 -26.76
C GLY B 452 26.76 -7.39 -26.38
N VAL B 453 25.57 -7.25 -25.78
CA VAL B 453 25.02 -5.95 -25.43
C VAL B 453 25.57 -5.52 -24.06
N ASP B 454 26.23 -4.37 -24.04
CA ASP B 454 26.67 -3.72 -22.80
C ASP B 454 25.50 -2.92 -22.26
N GLN B 455 24.63 -3.58 -21.49
CA GLN B 455 23.45 -2.92 -20.94
C GLN B 455 23.83 -1.80 -19.98
N LEU B 456 24.82 -2.05 -19.13
CA LEU B 456 25.18 -1.08 -18.11
C LEU B 456 25.62 0.24 -18.75
N LYS B 457 26.46 0.16 -19.78
CA LYS B 457 26.81 1.34 -20.55
C LYS B 457 25.58 1.95 -21.21
N ASN B 458 24.70 1.12 -21.73
CA ASN B 458 23.53 1.62 -22.42
C ASN B 458 22.62 2.42 -21.49
N ILE B 459 22.37 1.91 -20.29
CA ILE B 459 21.40 2.63 -19.47
C ILE B 459 22.04 3.89 -18.89
N ILE B 460 23.35 3.87 -18.67
CA ILE B 460 24.00 5.07 -18.17
C ILE B 460 23.92 6.17 -19.23
N ASN B 461 24.09 5.80 -20.49
CA ASN B 461 23.92 6.76 -21.57
C ASN B 461 22.47 7.23 -21.70
N LEU B 462 21.49 6.34 -21.49
CA LEU B 462 20.10 6.78 -21.58
C LEU B 462 19.78 7.77 -20.47
N ILE B 463 20.24 7.47 -19.25
CA ILE B 463 20.06 8.38 -18.13
C ILE B 463 20.61 9.77 -18.46
N LYS B 464 21.80 9.83 -19.07
CA LYS B 464 22.42 11.13 -19.36
C LYS B 464 21.79 11.83 -20.55
N ASN B 465 21.38 11.09 -21.58
CA ASN B 465 20.99 11.68 -22.86
C ASN B 465 19.50 11.66 -23.15
N ASP B 466 18.75 10.73 -22.57
CA ASP B 466 17.31 10.63 -22.78
C ASP B 466 16.65 10.32 -21.45
N PRO B 467 16.76 11.23 -20.47
CA PRO B 467 16.34 10.87 -19.10
C PRO B 467 14.84 10.64 -18.95
N THR B 468 13.98 11.21 -19.80
CA THR B 468 12.56 10.85 -19.74
C THR B 468 12.23 9.54 -20.45
N SER B 469 13.24 8.75 -20.85
CA SER B 469 12.98 7.46 -21.46
C SER B 469 12.28 6.53 -20.49
N ARG B 470 11.31 5.77 -20.99
CA ARG B 470 10.69 4.74 -20.18
C ARG B 470 11.24 3.35 -20.51
N ARG B 471 12.45 3.29 -21.07
CA ARG B 471 13.08 2.05 -21.48
C ARG B 471 14.43 1.87 -20.80
N ILE B 472 14.70 2.62 -19.75
CA ILE B 472 15.97 2.52 -19.05
C ILE B 472 15.94 1.32 -18.10
N LEU B 473 16.19 0.11 -18.63
CA LEU B 473 16.11 -1.12 -17.84
C LEU B 473 17.38 -1.93 -17.95
N LEU B 474 17.75 -2.57 -16.86
CA LEU B 474 18.93 -3.41 -16.77
C LEU B 474 18.46 -4.79 -16.38
N CYS B 475 18.56 -5.77 -17.29
CA CYS B 475 17.90 -7.06 -17.14
C CYS B 475 18.91 -8.19 -17.05
N ALA B 476 18.82 -8.99 -15.99
CA ALA B 476 19.66 -10.17 -15.84
C ALA B 476 18.97 -11.47 -16.23
N TRP B 477 17.65 -11.47 -16.39
CA TRP B 477 16.94 -12.69 -16.75
C TRP B 477 17.05 -12.91 -18.25
N ASN B 478 18.18 -13.51 -18.66
CA ASN B 478 18.40 -13.95 -20.05
C ASN B 478 17.85 -15.37 -20.19
N VAL B 479 16.62 -15.48 -20.73
CA VAL B 479 15.94 -16.77 -20.83
C VAL B 479 16.82 -17.82 -21.51
N LYS B 480 17.61 -17.40 -22.50
CA LYS B 480 18.41 -18.36 -23.26
C LYS B 480 19.54 -18.97 -22.44
N ASP B 481 20.07 -18.22 -21.47
CA ASP B 481 21.23 -18.64 -20.69
C ASP B 481 20.90 -19.20 -19.31
N LEU B 482 19.63 -19.20 -18.90
CA LEU B 482 19.31 -19.61 -17.53
C LEU B 482 19.94 -20.97 -17.18
N ASP B 483 19.78 -21.96 -18.05
CA ASP B 483 20.23 -23.30 -17.69
C ASP B 483 21.75 -23.39 -17.57
N GLN B 484 22.49 -22.56 -18.33
CA GLN B 484 23.94 -22.48 -18.16
C GLN B 484 24.38 -21.73 -16.90
N MET B 485 23.49 -20.98 -16.25
CA MET B 485 23.86 -20.30 -15.02
C MET B 485 23.91 -21.27 -13.83
N ALA B 486 24.83 -21.01 -12.91
CA ALA B 486 24.86 -21.81 -11.69
C ALA B 486 23.50 -21.74 -11.00
N LEU B 487 22.84 -20.57 -11.04
CA LEU B 487 21.43 -20.49 -10.74
C LEU B 487 20.83 -19.23 -11.36
N PRO B 488 19.53 -19.25 -11.67
CA PRO B 488 18.93 -18.07 -12.29
C PRO B 488 18.92 -16.90 -11.32
N PRO B 489 18.96 -15.67 -11.82
CA PRO B 489 19.09 -14.53 -10.92
C PRO B 489 17.82 -14.33 -10.09
N CYS B 490 18.01 -13.95 -8.83
CA CYS B 490 16.88 -13.53 -8.00
C CYS B 490 16.48 -12.10 -8.31
N HIS B 491 17.44 -11.25 -8.66
CA HIS B 491 17.17 -9.85 -8.98
C HIS B 491 16.98 -9.75 -10.49
N ILE B 492 15.72 -9.73 -10.93
CA ILE B 492 15.40 -9.86 -12.35
C ILE B 492 15.86 -8.63 -13.11
N LEU B 493 15.56 -7.44 -12.60
CA LEU B 493 15.81 -6.23 -13.36
C LEU B 493 15.83 -5.01 -12.44
N CYS B 494 16.50 -3.98 -12.92
CA CYS B 494 16.36 -2.62 -12.42
C CYS B 494 15.76 -1.76 -13.51
N GLN B 495 14.81 -0.90 -13.12
CA GLN B 495 14.35 0.18 -13.98
C GLN B 495 14.64 1.49 -13.27
N PHE B 496 14.96 2.52 -14.04
CA PHE B 496 15.36 3.81 -13.52
C PHE B 496 14.39 4.88 -13.99
N TYR B 497 14.36 5.98 -13.25
CA TYR B 497 13.42 7.06 -13.50
C TYR B 497 14.10 8.37 -13.11
N VAL B 498 14.07 9.34 -14.01
CA VAL B 498 14.76 10.62 -13.79
C VAL B 498 13.72 11.74 -13.82
N PHE B 499 13.71 12.57 -12.78
CA PHE B 499 12.92 13.79 -12.76
C PHE B 499 13.61 14.87 -11.94
N ASP B 500 13.61 16.09 -12.46
CA ASP B 500 14.22 17.25 -11.83
C ASP B 500 15.59 16.92 -11.22
N GLY B 501 16.47 16.36 -12.05
CA GLY B 501 17.82 16.03 -11.60
C GLY B 501 17.93 14.99 -10.51
N LYS B 502 17.01 14.03 -10.47
CA LYS B 502 16.97 13.05 -9.38
C LYS B 502 16.67 11.66 -9.94
N LEU B 503 17.34 10.64 -9.38
CA LEU B 503 17.31 9.28 -9.90
C LEU B 503 16.61 8.34 -8.92
N SER B 504 15.60 7.63 -9.41
CA SER B 504 14.98 6.57 -8.63
C SER B 504 15.16 5.26 -9.36
N CYS B 505 15.10 4.16 -8.61
CA CYS B 505 15.39 2.85 -9.14
C CYS B 505 14.39 1.83 -8.59
N ILE B 506 13.73 1.10 -9.48
CA ILE B 506 12.94 -0.06 -9.09
C ILE B 506 13.74 -1.32 -9.35
N MET B 507 13.83 -2.18 -8.36
CA MET B 507 14.33 -3.52 -8.56
C MET B 507 13.21 -4.51 -8.30
N TYR B 508 13.07 -5.49 -9.18
CA TYR B 508 12.09 -6.56 -9.03
C TYR B 508 12.81 -7.85 -8.70
N GLN B 509 12.40 -8.49 -7.61
CA GLN B 509 13.02 -9.69 -7.10
C GLN B 509 12.00 -10.82 -7.18
N ARG B 510 12.34 -11.89 -7.89
CA ARG B 510 11.40 -13.00 -8.03
C ARG B 510 11.33 -13.83 -6.75
N SER B 511 12.39 -13.82 -5.94
CA SER B 511 12.45 -14.74 -4.81
C SER B 511 13.16 -14.03 -3.66
N CYS B 512 12.50 -13.97 -2.51
CA CYS B 512 12.89 -13.07 -1.43
C CYS B 512 12.94 -13.83 -0.12
N ASP B 513 14.15 -14.08 0.35
CA ASP B 513 14.39 -14.66 1.66
C ASP B 513 14.35 -13.51 2.62
N LEU B 514 13.20 -13.34 3.29
CA LEU B 514 12.98 -12.15 4.09
C LEU B 514 13.97 -12.07 5.26
N GLY B 515 14.29 -13.22 5.85
CA GLY B 515 15.11 -13.21 7.05
C GLY B 515 16.58 -12.95 6.78
N LEU B 516 17.12 -13.58 5.75
CA LEU B 516 18.55 -13.53 5.48
C LEU B 516 18.87 -12.65 4.27
N GLY B 517 18.23 -12.93 3.12
CA GLY B 517 18.65 -12.30 1.88
C GLY B 517 18.21 -10.85 1.75
N VAL B 518 16.93 -10.57 2.00
CA VAL B 518 16.36 -9.25 1.68
C VAL B 518 17.09 -8.10 2.37
N PRO B 519 17.48 -8.17 3.65
CA PRO B 519 18.23 -7.03 4.22
C PRO B 519 19.48 -6.66 3.43
N PHE B 520 20.27 -7.65 3.00
CA PHE B 520 21.42 -7.39 2.14
C PHE B 520 21.01 -6.78 0.80
N ASN B 521 19.93 -7.30 0.20
CA ASN B 521 19.52 -6.88 -1.14
C ASN B 521 19.10 -5.41 -1.17
N ILE B 522 18.36 -4.96 -0.15
CA ILE B 522 18.05 -3.54 -0.03
C ILE B 522 19.33 -2.70 -0.03
N ALA B 523 20.37 -3.16 0.69
CA ALA B 523 21.60 -2.38 0.74
C ALA B 523 22.35 -2.38 -0.59
N SER B 524 22.46 -3.57 -1.23
CA SER B 524 23.15 -3.69 -2.51
C SER B 524 22.63 -2.69 -3.54
N TYR B 525 21.31 -2.68 -3.75
CA TYR B 525 20.70 -1.85 -4.78
C TYR B 525 20.46 -0.43 -4.31
N SER B 526 20.51 -0.16 -3.01
CA SER B 526 20.56 1.23 -2.59
C SER B 526 21.92 1.84 -2.92
N ILE B 527 23.00 1.12 -2.63
CA ILE B 527 24.34 1.56 -3.03
C ILE B 527 24.40 1.74 -4.55
N PHE B 528 23.99 0.71 -5.30
CA PHE B 528 24.03 0.79 -6.76
C PHE B 528 23.33 2.03 -7.29
N THR B 529 22.19 2.39 -6.70
CA THR B 529 21.47 3.58 -7.14
C THR B 529 22.29 4.85 -6.89
N HIS B 530 22.97 4.92 -5.75
CA HIS B 530 23.93 6.01 -5.52
C HIS B 530 25.03 6.03 -6.57
N MET B 531 25.63 4.88 -6.86
CA MET B 531 26.70 4.87 -7.86
C MET B 531 26.22 5.36 -9.21
N ILE B 532 25.07 4.84 -9.69
CA ILE B 532 24.55 5.27 -10.98
C ILE B 532 24.25 6.76 -10.97
N ALA B 533 23.67 7.26 -9.87
CA ALA B 533 23.25 8.66 -9.86
C ALA B 533 24.47 9.59 -9.88
N GLN B 534 25.53 9.22 -9.18
CA GLN B 534 26.71 10.07 -9.11
C GLN B 534 27.44 10.14 -10.46
N VAL B 535 27.69 8.98 -11.10
CA VAL B 535 28.35 9.04 -12.40
C VAL B 535 27.46 9.64 -13.47
N CYS B 536 26.19 9.95 -13.17
CA CYS B 536 25.32 10.66 -14.09
C CYS B 536 25.05 12.08 -13.62
N ASN B 537 25.71 12.51 -12.55
CA ASN B 537 25.55 13.85 -11.98
C ASN B 537 24.10 14.11 -11.58
N LEU B 538 23.51 13.13 -10.91
CA LEU B 538 22.14 13.22 -10.43
C LEU B 538 22.14 12.99 -8.93
N GLN B 539 21.06 13.41 -8.30
CA GLN B 539 20.97 13.03 -6.90
C GLN B 539 20.08 11.79 -6.74
N PRO B 540 20.42 10.86 -5.84
CA PRO B 540 19.55 9.70 -5.63
C PRO B 540 18.26 10.14 -4.95
N ALA B 541 17.14 9.58 -5.41
CA ALA B 541 15.83 9.84 -4.83
C ALA B 541 15.35 8.57 -4.14
N GLN B 542 14.48 7.77 -4.76
CA GLN B 542 13.98 6.57 -4.10
C GLN B 542 14.62 5.30 -4.64
N PHE B 543 14.78 4.33 -3.75
CA PHE B 543 14.97 2.95 -4.14
C PHE B 543 13.69 2.22 -3.83
N ILE B 544 13.20 1.45 -4.81
CA ILE B 544 11.85 0.88 -4.77
C ILE B 544 11.97 -0.61 -5.02
N HIS B 545 11.60 -1.40 -4.04
CA HIS B 545 11.87 -2.82 -4.01
C HIS B 545 10.55 -3.58 -4.19
N VAL B 546 10.44 -4.37 -5.27
CA VAL B 546 9.23 -5.15 -5.55
C VAL B 546 9.55 -6.60 -5.25
N LEU B 547 8.83 -7.18 -4.29
CA LEU B 547 9.06 -8.55 -3.86
C LEU B 547 8.05 -9.45 -4.57
N GLY B 548 8.55 -10.46 -5.27
CA GLY B 548 7.75 -11.47 -5.96
C GLY B 548 7.28 -12.58 -5.03
N ASN B 549 7.91 -13.75 -5.08
CA ASN B 549 7.70 -14.77 -4.06
C ASN B 549 8.48 -14.39 -2.80
N ALA B 550 7.76 -13.97 -1.77
CA ALA B 550 8.32 -13.44 -0.54
C ALA B 550 8.11 -14.46 0.57
N HIS B 551 9.19 -14.97 1.14
CA HIS B 551 9.06 -16.06 2.08
C HIS B 551 9.89 -15.83 3.34
N VAL B 552 9.41 -16.41 4.42
CA VAL B 552 10.16 -16.55 5.66
C VAL B 552 10.39 -18.03 5.88
N TYR B 553 11.66 -18.42 5.97
CA TYR B 553 12.02 -19.78 6.32
C TYR B 553 11.56 -20.11 7.73
N ASN B 554 11.03 -21.33 7.92
CA ASN B 554 10.46 -21.70 9.22
C ASN B 554 11.51 -21.64 10.32
N ASN B 555 12.77 -21.86 9.96
CA ASN B 555 13.89 -21.82 10.89
C ASN B 555 14.39 -20.41 11.18
N HIS B 556 13.75 -19.39 10.62
CA HIS B 556 14.05 -18.02 10.99
C HIS B 556 13.05 -17.43 11.96
N ILE B 557 11.95 -18.15 12.23
CA ILE B 557 10.80 -17.54 12.87
C ILE B 557 11.15 -17.05 14.27
N ASP B 558 11.87 -17.87 15.03
CA ASP B 558 12.25 -17.47 16.38
C ASP B 558 13.16 -16.25 16.35
N SER B 559 14.08 -16.19 15.39
CA SER B 559 14.99 -15.05 15.31
C SER B 559 14.25 -13.78 14.90
N LEU B 560 13.30 -13.88 13.96
CA LEU B 560 12.56 -12.70 13.54
C LEU B 560 11.55 -12.26 14.61
N LYS B 561 11.11 -13.18 15.48
CA LYS B 561 10.27 -12.76 16.59
C LYS B 561 11.05 -11.83 17.51
N ILE B 562 12.30 -12.18 17.81
CA ILE B 562 13.15 -11.27 18.57
C ILE B 562 13.30 -9.94 17.83
N GLN B 563 13.44 -9.99 16.50
CA GLN B 563 13.77 -8.79 15.75
C GLN B 563 12.59 -7.84 15.66
N LEU B 564 11.38 -8.38 15.52
CA LEU B 564 10.18 -7.53 15.48
C LEU B 564 10.00 -6.71 16.76
N ASN B 565 10.52 -7.18 17.89
CA ASN B 565 10.31 -6.48 19.14
C ASN B 565 11.48 -5.59 19.53
N ARG B 566 12.40 -5.31 18.60
CA ARG B 566 13.39 -4.27 18.81
C ARG B 566 12.95 -3.01 18.08
N ILE B 567 13.25 -1.86 18.68
CA ILE B 567 12.88 -0.56 18.12
C ILE B 567 14.06 -0.07 17.27
N PRO B 568 13.85 0.28 16.01
CA PRO B 568 14.97 0.73 15.18
C PRO B 568 15.55 2.03 15.70
N TYR B 569 16.81 2.25 15.34
CA TYR B 569 17.50 3.53 15.49
C TYR B 569 17.44 4.32 14.20
N PRO B 570 17.63 5.64 14.24
CA PRO B 570 17.75 6.41 13.01
C PRO B 570 18.82 5.81 12.10
N PHE B 571 18.56 5.84 10.80
CA PHE B 571 19.40 5.15 9.84
C PHE B 571 20.79 5.79 9.73
N PRO B 572 21.76 5.02 9.22
CA PRO B 572 23.05 5.61 8.87
C PRO B 572 23.02 6.39 7.58
N THR B 573 24.21 6.76 7.11
CA THR B 573 24.39 7.55 5.91
C THR B 573 25.46 6.88 5.05
N LEU B 574 25.30 6.91 3.72
CA LEU B 574 26.30 6.43 2.78
C LEU B 574 27.03 7.61 2.14
N LYS B 575 28.36 7.54 2.11
CA LYS B 575 29.18 8.51 1.42
C LYS B 575 30.01 7.83 0.33
N LEU B 576 29.93 8.36 -0.89
CA LEU B 576 30.82 7.94 -1.97
C LEU B 576 31.92 8.98 -2.14
N ASN B 577 33.12 8.51 -2.47
CA ASN B 577 34.16 9.37 -3.00
C ASN B 577 33.60 10.22 -4.14
N PRO B 578 33.58 11.55 -4.02
CA PRO B 578 32.91 12.38 -5.04
C PRO B 578 33.67 12.49 -6.35
N ASP B 579 34.95 12.10 -6.39
CA ASP B 579 35.74 12.18 -7.62
C ASP B 579 35.34 11.13 -8.65
N ILE B 580 34.74 10.01 -8.22
CA ILE B 580 34.45 8.94 -9.16
C ILE B 580 33.32 9.38 -10.08
N LYS B 581 33.61 9.51 -11.37
CA LYS B 581 32.62 9.91 -12.37
C LYS B 581 32.38 8.86 -13.44
N ASN B 582 32.87 7.63 -13.25
CA ASN B 582 32.62 6.55 -14.21
C ASN B 582 32.26 5.28 -13.45
N ILE B 583 31.25 4.55 -13.94
CA ILE B 583 30.72 3.43 -13.18
C ILE B 583 31.81 2.40 -12.89
N GLU B 584 32.82 2.32 -13.75
CA GLU B 584 33.86 1.29 -13.65
C GLU B 584 35.00 1.70 -12.73
N ASP B 585 35.00 2.92 -12.21
CA ASP B 585 36.16 3.41 -11.48
C ASP B 585 36.06 3.28 -9.96
N PHE B 586 34.95 2.75 -9.43
CA PHE B 586 34.85 2.59 -7.99
C PHE B 586 35.73 1.47 -7.48
N THR B 587 36.28 1.68 -6.29
CA THR B 587 37.00 0.66 -5.55
C THR B 587 36.43 0.57 -4.14
N ILE B 588 36.75 -0.53 -3.46
CA ILE B 588 36.20 -0.75 -2.12
C ILE B 588 36.43 0.46 -1.21
N SER B 589 37.55 1.18 -1.38
CA SER B 589 37.84 2.28 -0.46
C SER B 589 36.97 3.51 -0.72
N ASP B 590 36.21 3.53 -1.80
CA ASP B 590 35.40 4.70 -2.13
C ASP B 590 34.05 4.72 -1.41
N PHE B 591 33.78 3.77 -0.51
CA PHE B 591 32.47 3.64 0.14
C PHE B 591 32.64 3.73 1.65
N THR B 592 31.86 4.60 2.30
CA THR B 592 31.92 4.72 3.75
C THR B 592 30.52 4.85 4.33
N ILE B 593 30.18 3.98 5.27
CA ILE B 593 28.94 4.09 6.03
C ILE B 593 29.19 4.93 7.27
N GLN B 594 28.37 5.97 7.45
CA GLN B 594 28.51 6.88 8.58
C GLN B 594 27.38 6.68 9.57
N ASN B 595 27.74 6.67 10.85
CA ASN B 595 26.79 6.73 11.96
C ASN B 595 25.82 5.55 11.97
N TYR B 596 26.33 4.39 11.57
CA TYR B 596 25.56 3.15 11.72
C TYR B 596 25.39 2.85 13.20
N VAL B 597 24.18 3.09 13.73
CA VAL B 597 23.78 2.68 15.07
C VAL B 597 22.83 1.49 14.94
N HIS B 598 23.11 0.39 15.65
CA HIS B 598 22.37 -0.84 15.44
C HIS B 598 22.25 -1.63 16.74
N HIS B 599 21.25 -2.52 16.77
CA HIS B 599 21.12 -3.56 17.79
C HIS B 599 22.12 -4.67 17.52
N GLU B 600 22.21 -5.61 18.47
CA GLU B 600 23.25 -6.61 18.32
C GLU B 600 22.89 -7.61 17.24
N LYS B 601 23.92 -8.28 16.73
CA LYS B 601 23.74 -9.22 15.63
C LYS B 601 22.83 -10.38 16.05
N ILE B 602 22.21 -10.99 15.07
CA ILE B 602 21.31 -12.10 15.26
C ILE B 602 21.69 -13.22 14.31
N SER B 603 21.79 -14.44 14.83
CA SER B 603 21.96 -15.62 13.98
C SER B 603 20.59 -16.09 13.54
N MET B 604 20.35 -16.12 12.23
CA MET B 604 18.99 -16.35 11.75
C MET B 604 18.59 -17.82 11.86
#